data_2R56
#
_entry.id   2R56
#
_cell.length_a   67.040
_cell.length_b   100.640
_cell.length_c   168.050
_cell.angle_alpha   90.000
_cell.angle_beta   90.000
_cell.angle_gamma   90.000
#
_symmetry.space_group_name_H-M   'P 21 21 21'
#
loop_
_entity.id
_entity.type
_entity.pdbx_description
1 polymer Beta-lactoglobulin
2 polymer 'IgE Fab Fragment, light chain'
3 polymer 'IgE Fab Fragment, heavy chain'
4 non-polymer DODECYL-BETA-D-MALTOSIDE
#
loop_
_entity_poly.entity_id
_entity_poly.type
_entity_poly.pdbx_seq_one_letter_code
_entity_poly.pdbx_strand_id
1 'polypeptide(L)'
;LIVTQTMKGLDIQKVAGTWYSLAMAASDISLLDAQSAPLRVYVEELKPTPEGDLEILLQKWENGECAQKKIIAEKTKIPA
VFKIDALNENKVLVLDTDYKKYLLFCMENSAEPEQSLACQCLVRTPEVDDEALEKFDKALKALPMHIRLSFNPTQLEEQC
HI
;
A,B
2 'polypeptide(L)'
;DIVMTQSPSSLSASVGDRVTITCRASQGISSRLAWYQQKPGKAPKLLIYAASSLQSGVPSRFSGSGSGTEFTLTISSLQP
EDFATYYCQQYHSYPWTFGQGTKLEIKRTVAAPSVFIFPPSDEQLKSGTASVVCLLNNFYPREAKVQWKVDNALQSGNSQ
ESVTEQDSKDSTYSLSSTLTLSKADYEKHKVYACEVTHQGLSSPVTKSFNR
;
L,M
3 'polypeptide(L)'
;QVSLRESGGGLVQPGRSLRLSCTASGFTFRHHGMTWVRQAPGKGLEWVASLSGSGTKTHFADSVKGRFTISRDNSNNTLY
LQMDNVRDEDTAIYYCAKAKRVGATGYFDLWGRGTLVTVSSASTKGPSVFPLAPSSKSTSGGTAALGCLVKDYFPEPVTV
SWNSGALTSGVHTFPAVLQSSGLYSLSSVVTVPSSSLGTQTYICNVNHKPSNTKVDKKAEP
;
H,I
#
# COMPACT_ATOMS: atom_id res chain seq x y z
N THR A 4 11.29 -26.78 -11.70
CA THR A 4 12.12 -25.66 -12.24
C THR A 4 13.51 -25.67 -11.59
N GLN A 5 14.19 -26.80 -11.72
CA GLN A 5 15.53 -26.98 -11.16
C GLN A 5 15.55 -26.74 -9.65
N THR A 6 14.93 -27.64 -8.91
CA THR A 6 14.87 -27.55 -7.45
C THR A 6 15.88 -28.51 -6.83
N MET A 7 16.10 -28.35 -5.53
CA MET A 7 17.03 -29.20 -4.80
C MET A 7 16.69 -30.67 -4.99
N LYS A 8 17.70 -31.54 -4.84
CA LYS A 8 17.47 -32.97 -4.98
C LYS A 8 16.70 -33.50 -3.78
N GLY A 9 17.21 -34.54 -3.13
CA GLY A 9 16.51 -35.07 -1.97
C GLY A 9 16.60 -34.11 -0.79
N LEU A 10 15.50 -33.93 -0.06
CA LEU A 10 15.48 -33.04 1.09
C LEU A 10 15.19 -33.77 2.42
N ASP A 11 15.96 -33.46 3.46
CA ASP A 11 15.78 -34.10 4.77
C ASP A 11 14.77 -33.35 5.62
N ILE A 12 13.50 -33.63 5.35
CA ILE A 12 12.39 -33.02 6.04
C ILE A 12 12.58 -32.93 7.57
N GLN A 13 13.16 -33.96 8.16
CA GLN A 13 13.35 -33.96 9.60
C GLN A 13 14.26 -32.84 10.11
N LYS A 14 15.14 -32.32 9.26
CA LYS A 14 16.05 -31.29 9.72
C LYS A 14 15.66 -29.83 9.51
N VAL A 15 14.65 -29.58 8.68
CA VAL A 15 14.23 -28.20 8.45
C VAL A 15 13.31 -27.76 9.59
N ALA A 16 12.99 -28.68 10.48
CA ALA A 16 12.12 -28.39 11.59
C ALA A 16 12.68 -27.30 12.51
N GLY A 17 11.76 -26.58 13.15
CA GLY A 17 12.14 -25.53 14.05
C GLY A 17 11.70 -24.18 13.56
N THR A 18 12.23 -23.17 14.25
CA THR A 18 11.96 -21.77 13.99
C THR A 18 12.71 -21.22 12.81
N TRP A 19 12.06 -20.29 12.10
CA TRP A 19 12.63 -19.65 10.94
C TRP A 19 12.13 -18.22 10.88
N TYR A 20 12.75 -17.43 10.02
CA TYR A 20 12.36 -16.05 9.82
C TYR A 20 12.40 -15.81 8.34
N SER A 21 11.46 -15.01 7.84
CA SER A 21 11.41 -14.69 6.42
C SER A 21 12.24 -13.43 6.23
N LEU A 22 13.48 -13.60 5.78
CA LEU A 22 14.42 -12.48 5.58
C LEU A 22 14.12 -11.64 4.35
N ALA A 23 13.87 -12.31 3.23
CA ALA A 23 13.63 -11.64 1.96
C ALA A 23 12.63 -12.43 1.12
N MET A 24 11.94 -11.74 0.21
CA MET A 24 10.99 -12.41 -0.64
C MET A 24 10.91 -11.73 -2.00
N ALA A 25 10.45 -12.47 -3.00
CA ALA A 25 10.33 -11.94 -4.35
C ALA A 25 9.16 -12.63 -5.04
N ALA A 26 8.62 -11.98 -6.06
CA ALA A 26 7.49 -12.53 -6.80
C ALA A 26 7.53 -12.08 -8.25
N SER A 27 6.86 -12.82 -9.11
CA SER A 27 6.83 -12.51 -10.54
C SER A 27 5.97 -11.28 -10.82
N ASP A 28 4.98 -11.02 -9.96
CA ASP A 28 4.09 -9.88 -10.12
C ASP A 28 4.11 -9.00 -8.90
N ILE A 29 4.31 -7.69 -9.12
CA ILE A 29 4.39 -6.72 -8.03
C ILE A 29 3.20 -6.80 -7.08
N SER A 30 2.01 -6.91 -7.64
CA SER A 30 0.76 -6.97 -6.86
C SER A 30 0.75 -8.11 -5.85
N LEU A 31 1.58 -9.12 -6.11
CA LEU A 31 1.67 -10.29 -5.24
C LEU A 31 2.24 -9.95 -3.87
N LEU A 32 3.15 -8.99 -3.82
CA LEU A 32 3.81 -8.58 -2.57
C LEU A 32 3.63 -7.09 -2.29
N ASP A 33 3.29 -6.31 -3.33
CA ASP A 33 3.10 -4.87 -3.20
C ASP A 33 1.98 -4.60 -2.20
N ALA A 34 2.30 -3.80 -1.19
CA ALA A 34 1.37 -3.46 -0.12
C ALA A 34 1.36 -4.62 0.87
N GLN A 35 1.52 -4.30 2.15
CA GLN A 35 1.56 -5.30 3.23
C GLN A 35 0.41 -6.31 3.20
N SER A 36 -0.78 -5.86 2.80
CA SER A 36 -1.95 -6.74 2.72
C SER A 36 -1.93 -7.52 1.41
N ALA A 37 -0.80 -8.15 1.12
CA ALA A 37 -0.67 -8.90 -0.11
C ALA A 37 -1.10 -10.36 0.06
N PRO A 38 -1.52 -10.98 -1.05
CA PRO A 38 -1.97 -12.38 -1.08
C PRO A 38 -0.85 -13.42 -0.95
N LEU A 39 0.40 -12.99 -1.06
CA LEU A 39 1.51 -13.92 -0.95
C LEU A 39 2.56 -13.38 -0.02
N ARG A 40 2.19 -12.35 0.74
CA ARG A 40 3.12 -11.76 1.68
C ARG A 40 2.96 -12.48 3.00
N VAL A 41 3.47 -13.69 3.06
CA VAL A 41 3.37 -14.50 4.25
C VAL A 41 4.72 -14.57 4.94
N TYR A 42 4.70 -14.85 6.23
CA TYR A 42 5.92 -14.96 7.02
C TYR A 42 5.95 -16.29 7.75
N VAL A 43 6.98 -17.09 7.43
CA VAL A 43 7.19 -18.40 8.04
C VAL A 43 7.69 -18.22 9.47
N GLU A 44 7.20 -19.06 10.38
CA GLU A 44 7.63 -18.96 11.77
C GLU A 44 8.16 -20.29 12.27
N GLU A 45 7.43 -21.34 11.94
CA GLU A 45 7.79 -22.67 12.39
C GLU A 45 7.52 -23.73 11.31
N LEU A 46 8.39 -24.73 11.27
CA LEU A 46 8.26 -25.86 10.36
C LEU A 46 8.20 -27.11 11.24
N LYS A 47 7.03 -27.72 11.29
CA LYS A 47 6.81 -28.92 12.10
C LYS A 47 6.47 -30.11 11.21
N PRO A 48 7.42 -31.04 11.08
CA PRO A 48 7.27 -32.25 10.27
C PRO A 48 6.32 -33.23 10.96
N THR A 49 5.44 -33.84 10.18
CA THR A 49 4.48 -34.81 10.70
C THR A 49 5.02 -36.21 10.49
N PRO A 50 4.48 -37.17 11.24
CA PRO A 50 4.92 -38.57 11.12
C PRO A 50 4.72 -39.12 9.70
N GLU A 51 3.59 -38.77 9.09
CA GLU A 51 3.31 -39.25 7.74
C GLU A 51 4.28 -38.70 6.69
N GLY A 52 5.23 -37.87 7.12
CA GLY A 52 6.19 -37.30 6.18
C GLY A 52 5.83 -35.93 5.64
N ASP A 53 4.71 -35.39 6.09
CA ASP A 53 4.27 -34.08 5.65
C ASP A 53 4.96 -33.00 6.48
N LEU A 54 4.71 -31.75 6.14
CA LEU A 54 5.31 -30.63 6.85
C LEU A 54 4.26 -29.58 7.25
N GLU A 55 4.05 -29.42 8.55
CA GLU A 55 3.10 -28.42 9.03
C GLU A 55 3.84 -27.11 9.06
N ILE A 56 3.15 -26.02 8.75
CA ILE A 56 3.77 -24.72 8.71
C ILE A 56 2.99 -23.68 9.46
N LEU A 57 3.68 -23.01 10.39
CA LEU A 57 3.07 -21.95 11.17
C LEU A 57 3.50 -20.65 10.52
N LEU A 58 2.53 -19.83 10.10
CA LEU A 58 2.87 -18.57 9.45
C LEU A 58 1.92 -17.43 9.74
N GLN A 59 2.30 -16.23 9.30
CA GLN A 59 1.50 -15.02 9.48
C GLN A 59 1.31 -14.30 8.14
N LYS A 60 0.16 -13.67 7.98
CA LYS A 60 -0.15 -12.92 6.77
C LYS A 60 -1.29 -11.95 7.05
N TRP A 61 -1.26 -10.80 6.38
CA TRP A 61 -2.27 -9.78 6.58
C TRP A 61 -3.62 -10.24 6.01
N GLU A 62 -4.69 -9.90 6.72
CA GLU A 62 -6.03 -10.27 6.33
C GLU A 62 -7.08 -9.32 6.94
N ASN A 63 -7.66 -8.47 6.10
CA ASN A 63 -8.66 -7.50 6.51
C ASN A 63 -8.20 -6.63 7.69
N GLY A 64 -7.17 -5.83 7.46
CA GLY A 64 -6.68 -4.95 8.52
C GLY A 64 -6.33 -5.64 9.81
N GLU A 65 -5.60 -6.75 9.72
CA GLU A 65 -5.17 -7.49 10.91
C GLU A 65 -4.28 -8.68 10.55
N CYS A 66 -3.20 -8.84 11.30
CA CYS A 66 -2.28 -9.95 11.06
C CYS A 66 -2.93 -11.22 11.58
N ALA A 67 -2.91 -12.29 10.77
CA ALA A 67 -3.51 -13.56 11.17
C ALA A 67 -2.51 -14.72 11.22
N GLN A 68 -2.68 -15.60 12.20
CA GLN A 68 -1.79 -16.76 12.34
C GLN A 68 -2.45 -17.93 11.64
N LYS A 69 -1.69 -18.67 10.85
CA LYS A 69 -2.26 -19.80 10.14
C LYS A 69 -1.35 -21.03 10.14
N LYS A 70 -1.95 -22.20 10.20
CA LYS A 70 -1.21 -23.45 10.19
C LYS A 70 -1.53 -24.19 8.90
N ILE A 71 -0.51 -24.34 8.06
CA ILE A 71 -0.66 -24.99 6.78
C ILE A 71 0.08 -26.30 6.73
N ILE A 72 -0.46 -27.24 5.97
CA ILE A 72 0.15 -28.55 5.80
C ILE A 72 0.58 -28.77 4.34
N ALA A 73 1.89 -28.90 4.13
CA ALA A 73 2.43 -29.14 2.80
C ALA A 73 2.64 -30.64 2.69
N GLU A 74 1.80 -31.31 1.89
CA GLU A 74 1.89 -32.75 1.71
C GLU A 74 3.02 -33.14 0.76
N LYS A 75 3.84 -34.10 1.15
CA LYS A 75 4.94 -34.52 0.29
C LYS A 75 4.39 -35.25 -0.92
N THR A 76 5.10 -35.10 -2.04
CA THR A 76 4.68 -35.73 -3.28
C THR A 76 5.73 -36.72 -3.79
N LYS A 77 5.52 -37.24 -5.00
CA LYS A 77 6.41 -38.20 -5.64
C LYS A 77 7.56 -37.47 -6.33
N ILE A 78 7.82 -36.25 -5.86
CA ILE A 78 8.88 -35.41 -6.39
C ILE A 78 9.73 -34.96 -5.21
N PRO A 79 11.05 -35.17 -5.29
CA PRO A 79 12.03 -34.82 -4.27
C PRO A 79 11.67 -33.74 -3.23
N ALA A 80 12.04 -32.50 -3.53
CA ALA A 80 11.79 -31.41 -2.61
C ALA A 80 10.59 -30.57 -3.03
N VAL A 81 9.50 -31.26 -3.37
CA VAL A 81 8.29 -30.56 -3.78
C VAL A 81 7.10 -31.04 -2.97
N PHE A 82 6.39 -30.09 -2.35
CA PHE A 82 5.23 -30.43 -1.55
C PHE A 82 4.01 -29.74 -2.13
N LYS A 83 2.84 -30.07 -1.60
CA LYS A 83 1.63 -29.45 -2.10
C LYS A 83 0.74 -29.00 -0.96
N ILE A 84 0.04 -27.88 -1.18
CA ILE A 84 -0.86 -27.31 -0.19
C ILE A 84 -2.28 -27.56 -0.65
N ASP A 85 -3.06 -28.23 0.19
CA ASP A 85 -4.44 -28.57 -0.13
C ASP A 85 -5.37 -27.35 -0.34
N ALA A 86 -4.90 -26.16 0.00
CA ALA A 86 -5.69 -24.94 -0.17
C ALA A 86 -6.08 -24.82 -1.64
N LEU A 87 -7.05 -23.95 -1.94
CA LEU A 87 -7.49 -23.75 -3.33
C LEU A 87 -6.32 -23.31 -4.21
N ASN A 88 -6.54 -23.37 -5.52
CA ASN A 88 -5.52 -22.97 -6.51
C ASN A 88 -4.40 -24.02 -6.59
N GLU A 89 -4.28 -24.85 -5.55
CA GLU A 89 -3.24 -25.89 -5.48
C GLU A 89 -1.82 -25.32 -5.49
N ASN A 90 -1.53 -24.48 -4.50
CA ASN A 90 -0.22 -23.87 -4.39
C ASN A 90 0.85 -24.96 -4.23
N LYS A 91 1.93 -24.87 -5.01
CA LYS A 91 3.02 -25.84 -4.89
C LYS A 91 4.24 -25.13 -4.34
N VAL A 92 4.92 -25.81 -3.42
CA VAL A 92 6.10 -25.26 -2.79
C VAL A 92 7.31 -26.08 -3.27
N LEU A 93 8.42 -25.40 -3.55
CA LEU A 93 9.63 -26.08 -4.00
C LEU A 93 10.82 -25.59 -3.20
N VAL A 94 11.56 -26.51 -2.60
CA VAL A 94 12.73 -26.14 -1.80
C VAL A 94 13.93 -26.08 -2.74
N LEU A 95 14.40 -24.87 -3.02
CA LEU A 95 15.53 -24.69 -3.91
C LEU A 95 16.87 -25.08 -3.33
N ASP A 96 17.11 -24.71 -2.08
CA ASP A 96 18.37 -25.03 -1.42
C ASP A 96 18.26 -24.82 0.07
N THR A 97 19.18 -25.42 0.83
CA THR A 97 19.19 -25.26 2.27
C THR A 97 20.37 -25.95 2.90
N ASP A 98 20.93 -25.35 3.95
CA ASP A 98 22.06 -25.93 4.67
C ASP A 98 21.53 -26.51 5.98
N TYR A 99 20.23 -26.31 6.23
CA TYR A 99 19.54 -26.81 7.42
C TYR A 99 19.86 -26.05 8.71
N LYS A 100 21.10 -25.58 8.86
CA LYS A 100 21.54 -24.90 10.07
C LYS A 100 21.49 -23.37 10.00
N LYS A 101 21.42 -22.81 8.79
CA LYS A 101 21.39 -21.36 8.66
C LYS A 101 20.31 -20.79 7.73
N TYR A 102 20.26 -21.25 6.49
CA TYR A 102 19.29 -20.73 5.54
C TYR A 102 18.46 -21.80 4.83
N LEU A 103 17.42 -21.35 4.14
CA LEU A 103 16.55 -22.22 3.36
C LEU A 103 15.87 -21.38 2.29
N LEU A 104 15.85 -21.88 1.05
CA LEU A 104 15.24 -21.16 -0.05
C LEU A 104 14.11 -21.91 -0.69
N PHE A 105 12.96 -21.28 -0.85
CA PHE A 105 11.83 -21.95 -1.47
C PHE A 105 11.02 -20.96 -2.29
N CYS A 106 10.15 -21.52 -3.15
CA CYS A 106 9.27 -20.73 -4.00
C CYS A 106 7.90 -21.38 -3.93
N MET A 107 6.87 -20.62 -4.24
CA MET A 107 5.54 -21.17 -4.24
C MET A 107 4.74 -20.63 -5.41
N GLU A 108 4.05 -21.52 -6.13
CA GLU A 108 3.25 -21.13 -7.28
C GLU A 108 1.86 -21.77 -7.27
N ASN A 109 0.92 -21.16 -7.96
CA ASN A 109 -0.42 -21.70 -8.04
C ASN A 109 -0.62 -22.34 -9.41
N SER A 110 -0.81 -23.65 -9.40
CA SER A 110 -1.02 -24.41 -10.64
C SER A 110 -2.00 -23.68 -11.58
N ALA A 111 -3.02 -23.06 -11.00
CA ALA A 111 -4.01 -22.34 -11.79
C ALA A 111 -3.34 -21.33 -12.72
N GLU A 112 -2.50 -20.47 -12.15
CA GLU A 112 -1.80 -19.47 -12.94
C GLU A 112 -0.30 -19.51 -12.64
N PRO A 113 0.42 -20.48 -13.21
CA PRO A 113 1.87 -20.62 -13.00
C PRO A 113 2.68 -19.54 -13.71
N GLU A 114 2.11 -18.35 -13.82
CA GLU A 114 2.77 -17.21 -14.48
C GLU A 114 2.62 -15.94 -13.64
N GLN A 115 1.49 -15.83 -12.94
CA GLN A 115 1.20 -14.67 -12.10
C GLN A 115 0.95 -15.04 -10.64
N SER A 116 1.80 -15.93 -10.11
CA SER A 116 1.70 -16.37 -8.74
C SER A 116 2.94 -17.15 -8.33
N LEU A 117 4.11 -16.62 -8.63
CA LEU A 117 5.35 -17.28 -8.25
C LEU A 117 6.06 -16.40 -7.22
N ALA A 118 6.05 -16.84 -5.96
CA ALA A 118 6.73 -16.10 -4.90
C ALA A 118 7.83 -16.99 -4.34
N CYS A 119 8.94 -16.37 -3.97
CA CYS A 119 10.06 -17.13 -3.41
C CYS A 119 10.54 -16.43 -2.15
N GLN A 120 11.13 -17.19 -1.23
CA GLN A 120 11.61 -16.57 0.01
C GLN A 120 12.91 -17.13 0.51
N CYS A 121 13.59 -16.33 1.31
CA CYS A 121 14.83 -16.74 1.92
C CYS A 121 14.62 -16.74 3.43
N LEU A 122 14.59 -17.93 4.01
CA LEU A 122 14.39 -18.12 5.44
C LEU A 122 15.74 -18.25 6.16
N VAL A 123 15.74 -18.03 7.47
CA VAL A 123 16.96 -18.18 8.27
C VAL A 123 16.64 -18.61 9.68
N ARG A 124 17.59 -19.26 10.33
CA ARG A 124 17.37 -19.73 11.68
C ARG A 124 17.39 -18.62 12.73
N THR A 125 18.39 -17.74 12.66
CA THR A 125 18.44 -16.66 13.63
C THR A 125 17.99 -15.35 13.02
N PRO A 126 17.44 -14.45 13.83
CA PRO A 126 16.95 -13.15 13.39
C PRO A 126 18.07 -12.16 13.03
N GLU A 127 19.00 -12.63 12.23
CA GLU A 127 20.15 -11.82 11.84
C GLU A 127 20.16 -11.78 10.33
N VAL A 128 20.89 -10.81 9.77
CA VAL A 128 21.01 -10.70 8.33
C VAL A 128 22.18 -11.56 7.83
N ASP A 129 21.86 -12.61 7.10
CA ASP A 129 22.87 -13.50 6.58
C ASP A 129 23.21 -13.08 5.15
N ASP A 130 24.24 -12.26 4.99
CA ASP A 130 24.62 -11.78 3.66
C ASP A 130 24.89 -12.91 2.67
N GLU A 131 25.58 -13.95 3.12
CA GLU A 131 25.90 -15.09 2.27
C GLU A 131 24.62 -15.82 1.84
N ALA A 132 23.61 -15.83 2.71
CA ALA A 132 22.35 -16.48 2.41
C ALA A 132 21.60 -15.67 1.36
N LEU A 133 21.56 -14.36 1.53
CA LEU A 133 20.89 -13.49 0.57
C LEU A 133 21.56 -13.65 -0.78
N GLU A 134 22.87 -13.83 -0.75
CA GLU A 134 23.68 -14.03 -1.94
C GLU A 134 23.15 -15.19 -2.76
N LYS A 135 23.05 -16.34 -2.12
CA LYS A 135 22.56 -17.50 -2.82
C LYS A 135 21.14 -17.24 -3.30
N PHE A 136 20.40 -16.37 -2.62
CA PHE A 136 19.02 -16.07 -2.99
C PHE A 136 19.00 -15.23 -4.25
N ASP A 137 19.85 -14.20 -4.31
CA ASP A 137 19.91 -13.34 -5.49
C ASP A 137 20.36 -14.13 -6.71
N LYS A 138 21.32 -15.01 -6.49
CA LYS A 138 21.87 -15.86 -7.52
C LYS A 138 20.79 -16.77 -8.11
N ALA A 139 19.99 -17.36 -7.24
CA ALA A 139 18.95 -18.27 -7.66
C ALA A 139 17.77 -17.54 -8.23
N LEU A 140 17.78 -16.22 -8.12
CA LEU A 140 16.67 -15.44 -8.63
C LEU A 140 16.95 -14.80 -9.97
N LYS A 141 18.22 -14.62 -10.30
CA LYS A 141 18.59 -13.98 -11.55
C LYS A 141 18.06 -14.71 -12.78
N ALA A 142 17.51 -15.91 -12.55
CA ALA A 142 16.94 -16.75 -13.59
C ALA A 142 15.40 -16.82 -13.50
N LEU A 143 14.81 -16.05 -12.61
CA LEU A 143 13.37 -16.05 -12.49
C LEU A 143 12.89 -14.66 -12.87
N PRO A 144 11.63 -14.57 -13.34
CA PRO A 144 10.98 -13.33 -13.77
C PRO A 144 10.39 -12.56 -12.60
N MET A 145 11.26 -12.24 -11.64
CA MET A 145 10.84 -11.50 -10.45
C MET A 145 10.75 -10.03 -10.79
N HIS A 146 9.64 -9.40 -10.42
CA HIS A 146 9.50 -7.97 -10.68
C HIS A 146 9.27 -7.18 -9.40
N ILE A 147 9.79 -7.68 -8.29
CA ILE A 147 9.66 -7.05 -6.98
C ILE A 147 10.38 -7.91 -5.96
N ARG A 148 11.20 -7.28 -5.12
CA ARG A 148 11.95 -8.00 -4.09
C ARG A 148 11.98 -7.19 -2.81
N LEU A 149 11.92 -7.86 -1.66
CA LEU A 149 11.98 -7.16 -0.39
C LEU A 149 12.95 -7.87 0.56
N SER A 150 13.64 -7.09 1.38
CA SER A 150 14.59 -7.61 2.36
C SER A 150 14.33 -6.95 3.72
N PHE A 151 14.29 -7.73 4.79
CA PHE A 151 14.02 -7.16 6.10
C PHE A 151 15.23 -6.96 7.04
N ASN A 152 15.02 -6.20 8.11
CA ASN A 152 16.03 -5.91 9.11
C ASN A 152 15.68 -6.64 10.39
N PRO A 153 16.68 -6.86 11.24
CA PRO A 153 16.44 -7.55 12.50
C PRO A 153 15.24 -6.93 13.21
N THR A 154 15.18 -5.60 13.28
CA THR A 154 14.06 -4.95 13.96
C THR A 154 12.73 -5.26 13.31
N GLN A 155 12.73 -5.37 11.99
CA GLN A 155 11.48 -5.64 11.29
C GLN A 155 11.00 -7.06 11.52
N LEU A 156 11.92 -7.97 11.82
CA LEU A 156 11.56 -9.35 12.08
C LEU A 156 10.88 -9.48 13.43
N GLU A 157 10.93 -8.42 14.24
CA GLU A 157 10.33 -8.44 15.56
C GLU A 157 8.83 -8.24 15.45
N GLU A 158 8.35 -8.07 14.22
CA GLU A 158 6.93 -7.87 13.99
C GLU A 158 6.20 -9.05 13.37
N GLN A 159 5.16 -9.49 14.07
CA GLN A 159 4.34 -10.62 13.63
C GLN A 159 4.08 -10.52 12.14
N CYS A 160 3.90 -9.29 11.66
CA CYS A 160 3.64 -9.05 10.25
C CYS A 160 4.71 -8.18 9.60
N HIS A 161 5.90 -8.14 10.20
CA HIS A 161 7.04 -7.34 9.69
C HIS A 161 6.70 -5.87 9.44
N ILE A 162 7.28 -4.97 10.26
CA ILE A 162 7.08 -3.52 10.18
C ILE A 162 6.71 -3.00 8.78
N ASP B 1 -11.59 -6.94 25.89
CA ASP B 1 -10.55 -7.88 26.40
C ASP B 1 -11.07 -9.29 26.18
N ILE B 2 -10.22 -10.19 25.72
CA ILE B 2 -10.64 -11.56 25.50
C ILE B 2 -10.62 -12.28 26.85
N VAL B 3 -11.73 -12.90 27.19
CA VAL B 3 -11.84 -13.60 28.46
C VAL B 3 -11.63 -15.10 28.29
N MET B 4 -10.60 -15.64 28.93
CA MET B 4 -10.31 -17.06 28.81
C MET B 4 -10.92 -17.80 30.01
N THR B 5 -11.75 -18.80 29.74
CA THR B 5 -12.38 -19.56 30.82
C THR B 5 -11.87 -21.00 30.74
N GLN B 6 -11.18 -21.44 31.78
CA GLN B 6 -10.65 -22.80 31.82
C GLN B 6 -11.63 -23.70 32.53
N SER B 7 -11.48 -24.99 32.32
CA SER B 7 -12.40 -25.93 32.94
C SER B 7 -11.84 -27.32 32.85
N PRO B 8 -11.89 -28.07 33.97
CA PRO B 8 -12.44 -27.64 35.26
C PRO B 8 -11.40 -26.77 36.01
N SER B 9 -11.82 -26.12 37.08
CA SER B 9 -10.89 -25.29 37.85
C SER B 9 -9.91 -26.14 38.66
N SER B 10 -10.36 -27.32 39.08
CA SER B 10 -9.51 -28.25 39.82
C SER B 10 -9.92 -29.69 39.49
N LEU B 11 -8.93 -30.57 39.43
CA LEU B 11 -9.20 -31.95 39.09
C LEU B 11 -8.31 -32.93 39.87
N SER B 12 -8.81 -34.14 40.09
CA SER B 12 -8.02 -35.16 40.79
C SER B 12 -8.06 -36.41 39.94
N ALA B 13 -6.89 -36.88 39.54
CA ALA B 13 -6.77 -38.06 38.70
C ALA B 13 -5.67 -38.99 39.17
N SER B 14 -5.91 -40.29 39.04
CA SER B 14 -4.94 -41.29 39.46
C SER B 14 -3.77 -41.33 38.51
N VAL B 15 -2.58 -41.50 39.04
CA VAL B 15 -1.39 -41.57 38.20
C VAL B 15 -1.60 -42.66 37.15
N GLY B 16 -1.63 -42.25 35.89
CA GLY B 16 -1.85 -43.22 34.84
C GLY B 16 -2.99 -42.87 33.91
N ASP B 17 -4.11 -42.41 34.43
CA ASP B 17 -5.22 -42.08 33.54
C ASP B 17 -4.93 -40.82 32.74
N ARG B 18 -5.69 -40.60 31.66
CA ARG B 18 -5.49 -39.44 30.82
C ARG B 18 -6.41 -38.34 31.29
N VAL B 19 -5.87 -37.12 31.39
CA VAL B 19 -6.65 -35.98 31.84
C VAL B 19 -6.81 -34.98 30.71
N THR B 20 -7.90 -34.22 30.74
CA THR B 20 -8.19 -33.22 29.72
C THR B 20 -8.73 -31.93 30.34
N ILE B 21 -8.08 -30.82 30.02
CA ILE B 21 -8.52 -29.53 30.52
C ILE B 21 -8.97 -28.71 29.32
N THR B 22 -10.09 -28.02 29.49
CA THR B 22 -10.63 -27.21 28.42
C THR B 22 -10.40 -25.73 28.71
N CYS B 23 -10.34 -24.95 27.64
CA CYS B 23 -10.14 -23.52 27.72
C CYS B 23 -10.95 -22.91 26.59
N ARG B 24 -11.82 -21.94 26.92
CA ARG B 24 -12.65 -21.28 25.91
C ARG B 24 -12.42 -19.79 25.93
N ALA B 25 -12.34 -19.21 24.74
CA ALA B 25 -12.11 -17.77 24.59
C ALA B 25 -13.41 -17.02 24.42
N SER B 26 -13.43 -15.77 24.86
CA SER B 26 -14.63 -14.93 24.76
C SER B 26 -14.87 -14.53 23.30
N GLN B 27 -13.94 -14.88 22.42
CA GLN B 27 -14.07 -14.61 21.00
C GLN B 27 -13.00 -15.43 20.27
N GLY B 28 -13.16 -15.56 18.96
CA GLY B 28 -12.20 -16.33 18.20
C GLY B 28 -10.82 -15.75 18.32
N ILE B 29 -9.83 -16.61 18.50
CA ILE B 29 -8.46 -16.17 18.65
C ILE B 29 -7.56 -16.97 17.74
N SER B 30 -8.15 -17.48 16.67
CA SER B 30 -7.36 -18.25 15.72
C SER B 30 -6.82 -19.47 16.44
N SER B 31 -5.54 -19.72 16.26
CA SER B 31 -4.89 -20.85 16.89
C SER B 31 -3.80 -20.31 17.81
N ARG B 32 -3.95 -19.06 18.21
CA ARG B 32 -2.96 -18.44 19.07
C ARG B 32 -3.28 -18.67 20.55
N LEU B 33 -3.03 -19.87 21.02
CA LEU B 33 -3.27 -20.20 22.40
C LEU B 33 -2.09 -21.01 22.90
N ALA B 34 -1.71 -20.78 24.16
CA ALA B 34 -0.59 -21.51 24.75
C ALA B 34 -0.95 -22.09 26.09
N TRP B 35 -0.19 -23.10 26.51
CA TRP B 35 -0.43 -23.78 27.78
C TRP B 35 0.81 -23.76 28.66
N TYR B 36 0.66 -23.24 29.86
CA TYR B 36 1.79 -23.18 30.77
C TYR B 36 1.55 -24.04 31.97
N GLN B 37 2.63 -24.48 32.58
CA GLN B 37 2.54 -25.31 33.76
C GLN B 37 3.29 -24.61 34.88
N GLN B 38 2.64 -24.50 36.03
CA GLN B 38 3.27 -23.86 37.16
C GLN B 38 3.13 -24.67 38.44
N LYS B 39 4.25 -24.83 39.13
CA LYS B 39 4.30 -25.54 40.39
C LYS B 39 4.71 -24.52 41.46
N PRO B 40 4.33 -24.77 42.72
CA PRO B 40 4.61 -23.94 43.89
C PRO B 40 6.04 -23.43 43.93
N GLY B 41 6.17 -22.11 43.95
CA GLY B 41 7.49 -21.49 44.02
C GLY B 41 8.45 -21.80 42.88
N LYS B 42 7.95 -22.38 41.81
CA LYS B 42 8.81 -22.69 40.69
C LYS B 42 8.43 -21.82 39.49
N ALA B 43 9.31 -21.82 38.49
CA ALA B 43 9.14 -21.06 37.27
C ALA B 43 8.16 -21.73 36.31
N PRO B 44 7.15 -20.98 35.86
CA PRO B 44 6.21 -21.61 34.94
C PRO B 44 6.94 -22.17 33.71
N LYS B 45 6.37 -23.21 33.12
CA LYS B 45 6.94 -23.86 31.95
C LYS B 45 5.97 -23.82 30.79
N LEU B 46 6.49 -23.52 29.61
CA LEU B 46 5.66 -23.47 28.43
C LEU B 46 5.53 -24.88 27.90
N LEU B 47 4.31 -25.36 27.74
CA LEU B 47 4.08 -26.73 27.25
C LEU B 47 3.65 -26.73 25.80
N ILE B 48 2.65 -25.90 25.50
CA ILE B 48 2.07 -25.84 24.16
C ILE B 48 1.87 -24.41 23.71
N TYR B 49 2.06 -24.16 22.42
CA TYR B 49 1.85 -22.83 21.85
C TYR B 49 1.22 -23.06 20.48
N ALA B 50 0.74 -22.00 19.85
CA ALA B 50 0.10 -22.15 18.54
C ALA B 50 -0.95 -23.27 18.64
N ALA B 51 -1.60 -23.36 19.79
CA ALA B 51 -2.65 -24.34 20.06
C ALA B 51 -2.21 -25.81 20.15
N SER B 52 -1.28 -26.23 19.29
CA SER B 52 -0.87 -27.62 19.33
C SER B 52 0.63 -27.91 19.19
N SER B 53 1.45 -26.87 19.10
CA SER B 53 2.88 -27.09 18.98
C SER B 53 3.44 -27.34 20.36
N LEU B 54 4.19 -28.44 20.45
CA LEU B 54 4.78 -28.86 21.70
C LEU B 54 6.17 -28.28 21.90
N GLN B 55 6.34 -27.52 22.98
CA GLN B 55 7.63 -26.92 23.31
C GLN B 55 8.70 -27.99 23.43
N SER B 56 9.92 -27.66 23.04
CA SER B 56 10.99 -28.65 23.13
C SER B 56 11.26 -29.02 24.57
N GLY B 57 11.65 -30.28 24.78
CA GLY B 57 11.94 -30.73 26.12
C GLY B 57 10.73 -31.10 26.96
N VAL B 58 9.57 -31.17 26.33
CA VAL B 58 8.35 -31.55 27.02
C VAL B 58 7.94 -32.92 26.52
N PRO B 59 7.65 -33.84 27.45
CA PRO B 59 7.22 -35.21 27.12
C PRO B 59 6.03 -35.26 26.16
N SER B 60 6.10 -36.19 25.22
CA SER B 60 5.07 -36.36 24.21
C SER B 60 3.66 -36.63 24.73
N ARG B 61 3.56 -37.06 26.00
CA ARG B 61 2.25 -37.36 26.57
C ARG B 61 1.36 -36.12 26.75
N PHE B 62 1.97 -34.94 26.66
CA PHE B 62 1.25 -33.68 26.74
C PHE B 62 0.89 -33.36 25.31
N SER B 63 -0.37 -33.01 25.09
CA SER B 63 -0.79 -32.72 23.74
C SER B 63 -1.77 -31.56 23.83
N GLY B 64 -2.02 -30.90 22.71
CA GLY B 64 -2.95 -29.79 22.71
C GLY B 64 -3.65 -29.71 21.39
N SER B 65 -4.93 -29.37 21.42
CA SER B 65 -5.72 -29.24 20.19
C SER B 65 -6.77 -28.19 20.40
N GLY B 66 -7.49 -27.88 19.34
CA GLY B 66 -8.54 -26.89 19.41
C GLY B 66 -8.42 -25.84 18.32
N SER B 67 -9.45 -25.02 18.18
CA SER B 67 -9.43 -23.99 17.17
C SER B 67 -10.59 -23.03 17.33
N GLY B 68 -10.37 -21.78 16.97
CA GLY B 68 -11.43 -20.80 17.06
C GLY B 68 -11.67 -20.35 18.49
N THR B 69 -12.56 -21.03 19.18
CA THR B 69 -12.88 -20.67 20.56
C THR B 69 -12.61 -21.73 21.62
N GLU B 70 -12.69 -23.00 21.25
CA GLU B 70 -12.45 -24.03 22.24
C GLU B 70 -11.15 -24.76 21.97
N PHE B 71 -10.31 -24.84 23.02
CA PHE B 71 -8.99 -25.48 22.99
C PHE B 71 -8.86 -26.47 24.13
N THR B 72 -7.99 -27.45 23.98
CA THR B 72 -7.87 -28.42 25.03
C THR B 72 -6.47 -29.02 25.22
N LEU B 73 -6.06 -29.10 26.49
CA LEU B 73 -4.76 -29.64 26.88
C LEU B 73 -5.01 -31.04 27.40
N THR B 74 -4.33 -32.02 26.82
CA THR B 74 -4.50 -33.40 27.24
C THR B 74 -3.19 -33.97 27.77
N ILE B 75 -3.28 -34.68 28.89
CA ILE B 75 -2.12 -35.30 29.51
C ILE B 75 -2.38 -36.80 29.49
N SER B 76 -1.60 -37.56 28.75
CA SER B 76 -1.83 -38.99 28.69
C SER B 76 -1.53 -39.78 29.95
N SER B 77 -0.34 -40.34 30.01
CA SER B 77 0.10 -41.13 31.17
C SER B 77 0.40 -40.24 32.37
N LEU B 78 -0.63 -39.79 33.08
CA LEU B 78 -0.46 -38.91 34.23
C LEU B 78 0.60 -39.43 35.20
N GLN B 79 1.57 -38.59 35.52
CA GLN B 79 2.61 -39.00 36.45
C GLN B 79 2.41 -38.29 37.80
N PRO B 80 3.07 -38.81 38.85
CA PRO B 80 2.95 -38.23 40.19
C PRO B 80 3.47 -36.80 40.24
N GLU B 81 4.36 -36.44 39.31
CA GLU B 81 4.92 -35.10 39.28
C GLU B 81 4.24 -34.17 38.28
N ASP B 82 3.16 -34.65 37.66
CA ASP B 82 2.40 -33.84 36.72
C ASP B 82 1.44 -32.94 37.51
N PHE B 83 1.54 -33.02 38.83
CA PHE B 83 0.73 -32.22 39.75
C PHE B 83 1.13 -30.76 39.61
N ALA B 84 0.16 -29.90 39.36
CA ALA B 84 0.44 -28.48 39.19
C ALA B 84 -0.79 -27.72 38.75
N THR B 85 -0.64 -26.41 38.56
CA THR B 85 -1.74 -25.60 38.06
C THR B 85 -1.43 -25.33 36.59
N TYR B 86 -2.40 -25.60 35.72
CA TYR B 86 -2.22 -25.39 34.30
C TYR B 86 -3.00 -24.14 33.90
N TYR B 87 -2.36 -23.31 33.08
CA TYR B 87 -2.95 -22.06 32.64
C TYR B 87 -2.93 -21.94 31.14
N CYS B 88 -4.00 -21.41 30.55
CA CYS B 88 -3.98 -21.20 29.11
C CYS B 88 -3.86 -19.68 28.93
N GLN B 89 -3.22 -19.26 27.85
CA GLN B 89 -3.03 -17.84 27.59
C GLN B 89 -3.22 -17.53 26.10
N GLN B 90 -3.97 -16.47 25.77
CA GLN B 90 -4.16 -16.13 24.36
C GLN B 90 -3.30 -14.94 23.96
N TYR B 91 -2.85 -14.93 22.72
CA TYR B 91 -2.03 -13.85 22.23
C TYR B 91 -2.51 -13.39 20.86
N HIS B 92 -3.82 -13.31 20.73
CA HIS B 92 -4.42 -12.88 19.47
C HIS B 92 -4.44 -11.35 19.48
N SER B 93 -4.90 -10.77 20.58
CA SER B 93 -4.96 -9.33 20.68
C SER B 93 -4.57 -8.90 22.10
N TYR B 94 -4.19 -7.63 22.26
CA TYR B 94 -3.81 -7.11 23.55
C TYR B 94 -5.06 -6.61 24.25
N PRO B 95 -5.14 -6.77 25.59
CA PRO B 95 -4.11 -7.37 26.44
C PRO B 95 -4.11 -8.88 26.31
N TRP B 96 -2.95 -9.46 26.59
CA TRP B 96 -2.86 -10.90 26.53
C TRP B 96 -3.49 -11.44 27.80
N THR B 97 -4.38 -12.41 27.67
CA THR B 97 -5.06 -12.93 28.82
C THR B 97 -4.79 -14.35 29.18
N PHE B 98 -4.84 -14.61 30.48
CA PHE B 98 -4.64 -15.94 30.99
C PHE B 98 -5.97 -16.52 31.42
N GLY B 99 -5.97 -17.83 31.65
CA GLY B 99 -7.19 -18.45 32.11
C GLY B 99 -7.09 -18.48 33.62
N GLN B 100 -8.21 -18.61 34.31
CA GLN B 100 -8.20 -18.66 35.75
C GLN B 100 -7.30 -19.82 36.21
N GLY B 101 -7.03 -20.78 35.34
CA GLY B 101 -6.18 -21.89 35.73
C GLY B 101 -6.90 -23.15 36.26
N THR B 102 -6.25 -24.30 36.10
CA THR B 102 -6.79 -25.57 36.53
C THR B 102 -5.83 -26.27 37.48
N LYS B 103 -6.26 -26.51 38.72
CA LYS B 103 -5.37 -27.16 39.69
C LYS B 103 -5.53 -28.67 39.69
N LEU B 104 -4.46 -29.36 39.32
CA LEU B 104 -4.48 -30.82 39.24
C LEU B 104 -3.68 -31.54 40.32
N GLU B 105 -4.40 -32.24 41.19
CA GLU B 105 -3.71 -32.98 42.23
C GLU B 105 -3.75 -34.46 41.88
N ILE B 106 -2.77 -35.20 42.37
CA ILE B 106 -2.70 -36.61 42.07
C ILE B 106 -3.44 -37.48 43.05
N LYS B 107 -4.39 -38.26 42.52
CA LYS B 107 -5.17 -39.16 43.34
C LYS B 107 -4.20 -40.16 43.87
N ARG B 108 -4.46 -40.62 45.06
CA ARG B 108 -3.54 -41.58 45.61
C ARG B 108 -4.30 -42.44 46.59
N THR B 109 -3.71 -43.56 46.97
CA THR B 109 -4.35 -44.45 47.92
C THR B 109 -4.25 -43.82 49.30
N VAL B 110 -5.36 -43.79 50.02
CA VAL B 110 -5.40 -43.18 51.34
C VAL B 110 -4.17 -43.53 52.19
N ALA B 111 -3.64 -42.52 52.89
CA ALA B 111 -2.47 -42.73 53.71
C ALA B 111 -2.57 -41.95 55.01
N ALA B 112 -2.57 -42.67 56.12
CA ALA B 112 -2.66 -42.05 57.42
C ALA B 112 -1.44 -41.17 57.68
N PRO B 113 -1.63 -40.11 58.46
CA PRO B 113 -0.55 -39.18 58.80
C PRO B 113 0.20 -39.60 60.07
N SER B 114 1.48 -39.23 60.14
CA SER B 114 2.30 -39.55 61.31
C SER B 114 2.35 -38.28 62.15
N VAL B 115 1.57 -38.25 63.23
CA VAL B 115 1.53 -37.05 64.09
C VAL B 115 2.66 -36.91 65.11
N PHE B 116 3.13 -35.67 65.27
CA PHE B 116 4.19 -35.38 66.22
C PHE B 116 3.81 -34.12 66.97
N ILE B 117 4.39 -33.89 68.13
CA ILE B 117 4.08 -32.70 68.89
C ILE B 117 5.36 -32.10 69.45
N PHE B 118 5.50 -30.78 69.31
CA PHE B 118 6.68 -30.05 69.77
C PHE B 118 6.37 -29.00 70.83
N PRO B 119 6.96 -29.13 72.02
CA PRO B 119 6.73 -28.16 73.10
C PRO B 119 7.40 -26.82 72.81
N PRO B 120 6.87 -25.73 73.38
CA PRO B 120 7.45 -24.40 73.17
C PRO B 120 8.91 -24.39 73.62
N SER B 121 9.80 -23.86 72.79
CA SER B 121 11.22 -23.77 73.12
C SER B 121 11.44 -22.72 74.20
N ASP B 122 12.13 -23.09 75.26
CA ASP B 122 12.40 -22.17 76.35
C ASP B 122 12.90 -20.80 75.90
N GLU B 123 13.64 -20.76 74.79
CA GLU B 123 14.15 -19.51 74.25
C GLU B 123 12.98 -18.60 73.86
N GLN B 124 11.94 -19.20 73.30
CA GLN B 124 10.75 -18.46 72.92
C GLN B 124 9.98 -17.99 74.16
N LEU B 125 9.72 -18.90 75.09
CA LEU B 125 9.00 -18.57 76.30
C LEU B 125 9.65 -17.40 77.04
N LYS B 126 10.96 -17.28 76.89
CA LYS B 126 11.70 -16.21 77.56
C LYS B 126 11.50 -14.87 76.83
N SER B 127 10.42 -14.76 76.08
CA SER B 127 10.11 -13.55 75.32
C SER B 127 8.75 -13.00 75.76
N GLY B 128 7.77 -13.88 75.88
CA GLY B 128 6.45 -13.45 76.30
C GLY B 128 5.34 -14.32 75.76
N THR B 129 5.64 -15.06 74.69
CA THR B 129 4.65 -15.93 74.08
C THR B 129 5.15 -17.36 73.94
N ALA B 130 4.25 -18.24 73.56
CA ALA B 130 4.58 -19.65 73.39
C ALA B 130 3.84 -20.27 72.21
N SER B 131 4.58 -20.93 71.34
CA SER B 131 3.99 -21.56 70.17
C SER B 131 4.09 -23.08 70.24
N VAL B 132 2.94 -23.75 70.33
CA VAL B 132 2.88 -25.20 70.39
C VAL B 132 2.71 -25.72 68.97
N VAL B 133 3.60 -26.60 68.55
CA VAL B 133 3.54 -27.12 67.19
C VAL B 133 3.19 -28.61 67.09
N CYS B 134 2.29 -28.92 66.18
CA CYS B 134 1.85 -30.29 65.93
C CYS B 134 2.04 -30.57 64.43
N LEU B 135 2.64 -31.71 64.12
CA LEU B 135 2.92 -32.07 62.74
C LEU B 135 2.28 -33.33 62.19
N LEU B 136 1.60 -33.19 61.05
CA LEU B 136 0.98 -34.31 60.36
C LEU B 136 1.88 -34.59 59.17
N ASN B 137 2.61 -35.69 59.22
CA ASN B 137 3.54 -36.00 58.17
C ASN B 137 3.06 -37.07 57.18
N ASN B 138 3.32 -36.82 55.90
CA ASN B 138 2.99 -37.73 54.80
C ASN B 138 1.61 -38.39 54.83
N PHE B 139 0.60 -37.71 54.28
CA PHE B 139 -0.74 -38.30 54.27
C PHE B 139 -1.59 -37.92 53.07
N TYR B 140 -2.70 -38.61 52.88
CA TYR B 140 -3.61 -38.33 51.77
C TYR B 140 -4.97 -38.93 52.11
N PRO B 141 -6.07 -38.24 51.74
CA PRO B 141 -6.15 -36.95 51.08
C PRO B 141 -5.59 -35.81 51.93
N ARG B 142 -5.72 -34.61 51.38
CA ARG B 142 -5.25 -33.39 52.02
C ARG B 142 -6.14 -33.01 53.20
N GLU B 143 -7.41 -33.43 53.13
CA GLU B 143 -8.37 -33.12 54.19
C GLU B 143 -8.03 -33.79 55.51
N ALA B 144 -7.84 -32.97 56.54
CA ALA B 144 -7.52 -33.47 57.86
C ALA B 144 -8.06 -32.49 58.89
N LYS B 145 -8.49 -32.99 60.03
CA LYS B 145 -9.03 -32.13 61.07
C LYS B 145 -8.18 -32.20 62.35
N VAL B 146 -7.64 -31.06 62.75
CA VAL B 146 -6.80 -30.95 63.95
C VAL B 146 -7.44 -30.12 65.05
N GLN B 147 -7.31 -30.59 66.28
CA GLN B 147 -7.88 -29.92 67.45
C GLN B 147 -6.86 -29.76 68.59
N TRP B 148 -6.97 -28.65 69.31
CA TRP B 148 -6.08 -28.38 70.43
C TRP B 148 -6.86 -28.36 71.73
N LYS B 149 -6.52 -29.29 72.63
CA LYS B 149 -7.18 -29.39 73.93
C LYS B 149 -6.17 -29.17 75.05
N VAL B 150 -6.36 -28.08 75.79
CA VAL B 150 -5.47 -27.76 76.90
C VAL B 150 -6.18 -28.19 78.18
N ASP B 151 -5.57 -29.10 78.92
CA ASP B 151 -6.17 -29.63 80.14
C ASP B 151 -7.57 -30.14 79.81
N ASN B 152 -7.70 -30.81 78.67
CA ASN B 152 -8.96 -31.36 78.19
C ASN B 152 -10.01 -30.31 77.85
N ALA B 153 -9.53 -29.15 77.44
CA ALA B 153 -10.40 -28.04 77.09
C ALA B 153 -10.14 -27.63 75.64
N LEU B 154 -11.20 -27.64 74.83
CA LEU B 154 -11.09 -27.26 73.43
C LEU B 154 -10.44 -25.88 73.25
N GLN B 155 -10.17 -25.52 72.01
CA GLN B 155 -9.55 -24.24 71.68
C GLN B 155 -10.18 -23.65 70.42
N SER B 156 -10.05 -22.34 70.23
CA SER B 156 -10.59 -21.67 69.04
C SER B 156 -9.87 -20.38 68.72
N GLY B 157 -9.55 -20.19 67.45
CA GLY B 157 -8.84 -18.99 67.02
C GLY B 157 -7.52 -18.81 67.77
N ASN B 158 -6.98 -19.90 68.30
CA ASN B 158 -5.72 -19.83 69.03
C ASN B 158 -4.68 -20.61 68.26
N SER B 159 -5.11 -21.20 67.15
CA SER B 159 -4.21 -21.99 66.32
C SER B 159 -4.47 -21.71 64.86
N GLN B 160 -3.43 -21.94 64.05
CA GLN B 160 -3.49 -21.75 62.61
C GLN B 160 -2.79 -22.92 61.92
N GLU B 161 -3.34 -23.35 60.79
CA GLU B 161 -2.77 -24.46 60.04
C GLU B 161 -2.10 -24.00 58.75
N SER B 162 -1.19 -24.82 58.25
CA SER B 162 -0.46 -24.56 57.02
C SER B 162 -0.13 -25.89 56.37
N VAL B 163 -0.50 -26.06 55.11
CA VAL B 163 -0.27 -27.31 54.40
C VAL B 163 0.76 -27.27 53.29
N THR B 164 1.62 -28.27 53.21
CA THR B 164 2.62 -28.26 52.14
C THR B 164 1.95 -28.61 50.83
N GLU B 165 2.72 -28.56 49.76
CA GLU B 165 2.20 -28.89 48.46
C GLU B 165 2.31 -30.39 48.31
N GLN B 166 1.55 -30.94 47.37
CA GLN B 166 1.55 -32.37 47.13
C GLN B 166 2.91 -32.86 46.66
N ASP B 167 3.59 -33.67 47.47
CA ASP B 167 4.91 -34.19 47.12
C ASP B 167 4.94 -34.67 45.69
N SER B 168 5.95 -34.25 44.95
CA SER B 168 6.08 -34.65 43.55
C SER B 168 6.35 -36.14 43.35
N LYS B 169 6.59 -36.85 44.44
CA LYS B 169 6.88 -38.29 44.40
C LYS B 169 5.81 -39.17 45.09
N ASP B 170 5.74 -39.11 46.40
CA ASP B 170 4.76 -39.90 47.14
C ASP B 170 3.33 -39.36 47.01
N SER B 171 3.20 -38.20 46.37
CA SER B 171 1.91 -37.55 46.18
C SER B 171 1.14 -37.38 47.48
N THR B 172 1.87 -37.24 48.57
CA THR B 172 1.25 -37.06 49.88
C THR B 172 1.37 -35.61 50.36
N TYR B 173 0.68 -35.30 51.45
CA TYR B 173 0.69 -33.97 52.02
C TYR B 173 1.23 -33.98 53.43
N SER B 174 1.56 -32.79 53.92
CA SER B 174 2.06 -32.57 55.28
C SER B 174 1.47 -31.26 55.79
N LEU B 175 0.96 -31.31 57.01
CA LEU B 175 0.32 -30.17 57.60
C LEU B 175 0.93 -29.79 58.95
N SER B 176 0.85 -28.51 59.29
CA SER B 176 1.37 -28.04 60.57
C SER B 176 0.33 -27.15 61.21
N SER B 177 0.17 -27.33 62.51
CA SER B 177 -0.78 -26.54 63.26
C SER B 177 -0.07 -25.87 64.43
N THR B 178 -0.17 -24.56 64.49
CA THR B 178 0.48 -23.83 65.57
C THR B 178 -0.53 -23.14 66.50
N LEU B 179 -0.45 -23.49 67.79
CA LEU B 179 -1.28 -22.92 68.84
C LEU B 179 -0.51 -21.84 69.57
N THR B 180 -1.06 -20.64 69.56
CA THR B 180 -0.39 -19.52 70.20
C THR B 180 -1.00 -19.18 71.55
N LEU B 181 -0.15 -18.93 72.53
CA LEU B 181 -0.60 -18.59 73.87
C LEU B 181 0.47 -17.77 74.57
N SER B 182 0.04 -16.82 75.40
CA SER B 182 0.97 -15.98 76.13
C SER B 182 1.76 -16.85 77.11
N LYS B 183 3.04 -16.52 77.29
CA LYS B 183 3.91 -17.27 78.19
C LYS B 183 3.26 -17.53 79.55
N ALA B 184 2.38 -16.63 79.98
CA ALA B 184 1.72 -16.80 81.25
C ALA B 184 0.62 -17.83 81.18
N ASP B 185 -0.20 -17.75 80.14
CA ASP B 185 -1.28 -18.70 80.00
C ASP B 185 -0.71 -20.10 79.85
N TYR B 186 0.44 -20.20 79.21
CA TYR B 186 1.09 -21.48 79.00
C TYR B 186 1.41 -22.09 80.38
N GLU B 187 1.75 -21.23 81.33
CA GLU B 187 2.06 -21.66 82.68
C GLU B 187 0.78 -22.01 83.46
N LYS B 188 -0.33 -21.39 83.09
CA LYS B 188 -1.60 -21.65 83.76
C LYS B 188 -2.05 -23.10 83.65
N HIS B 189 -1.49 -23.83 82.68
CA HIS B 189 -1.88 -25.24 82.49
C HIS B 189 -0.66 -26.14 82.34
N LYS B 190 -0.88 -27.38 81.93
CA LYS B 190 0.25 -28.30 81.75
C LYS B 190 -0.08 -29.47 80.81
N VAL B 191 -1.37 -29.69 80.57
CA VAL B 191 -1.82 -30.76 79.68
C VAL B 191 -2.19 -30.26 78.29
N TYR B 192 -1.27 -30.41 77.35
CA TYR B 192 -1.48 -29.97 75.97
C TYR B 192 -1.60 -31.18 75.04
N ALA B 193 -2.77 -31.30 74.41
CA ALA B 193 -3.03 -32.41 73.51
C ALA B 193 -3.36 -31.98 72.09
N CYS B 194 -2.91 -32.80 71.14
CA CYS B 194 -3.14 -32.54 69.72
C CYS B 194 -3.91 -33.73 69.14
N GLU B 195 -5.23 -33.62 69.07
CA GLU B 195 -6.05 -34.71 68.54
C GLU B 195 -6.32 -34.54 67.05
N VAL B 196 -5.81 -35.50 66.27
CA VAL B 196 -5.93 -35.49 64.82
C VAL B 196 -6.80 -36.60 64.26
N THR B 197 -7.67 -36.25 63.33
CA THR B 197 -8.56 -37.23 62.70
C THR B 197 -8.38 -37.21 61.19
N HIS B 198 -8.24 -38.38 60.57
CA HIS B 198 -8.05 -38.47 59.14
C HIS B 198 -8.72 -39.71 58.62
N GLN B 199 -9.05 -39.68 57.34
CA GLN B 199 -9.69 -40.80 56.67
C GLN B 199 -8.86 -42.07 56.77
N GLY B 200 -7.57 -41.93 57.04
CA GLY B 200 -6.71 -43.10 57.14
C GLY B 200 -6.59 -43.62 58.57
N LEU B 201 -7.34 -43.00 59.46
CA LEU B 201 -7.34 -43.37 60.86
C LEU B 201 -8.73 -43.79 61.29
N SER B 202 -8.83 -45.01 61.81
CA SER B 202 -10.10 -45.56 62.27
C SER B 202 -10.57 -44.79 63.50
N SER B 203 -9.62 -44.18 64.19
CA SER B 203 -9.91 -43.41 65.38
C SER B 203 -8.90 -42.30 65.62
N PRO B 204 -9.37 -41.17 66.17
CA PRO B 204 -8.55 -40.00 66.46
C PRO B 204 -7.25 -40.32 67.17
N VAL B 205 -6.15 -39.81 66.63
CA VAL B 205 -4.83 -40.00 67.23
C VAL B 205 -4.54 -38.75 68.05
N THR B 206 -4.07 -38.92 69.28
CA THR B 206 -3.78 -37.77 70.12
C THR B 206 -2.39 -37.87 70.71
N LYS B 207 -1.55 -36.88 70.40
CA LYS B 207 -0.20 -36.86 70.92
C LYS B 207 -0.16 -35.69 71.89
N SER B 208 0.45 -35.90 73.05
CA SER B 208 0.48 -34.85 74.07
C SER B 208 1.77 -34.78 74.86
N PHE B 209 1.80 -33.82 75.78
CA PHE B 209 2.97 -33.63 76.62
C PHE B 209 2.60 -32.74 77.81
N ASN B 210 3.50 -32.65 78.78
CA ASN B 210 3.26 -31.83 79.97
C ASN B 210 4.49 -30.98 80.24
N ARG B 211 4.26 -29.77 80.73
CA ARG B 211 5.36 -28.86 81.03
C ARG B 211 6.47 -29.56 81.83
N GLN C 1 22.80 -23.87 31.41
CA GLN C 1 23.30 -22.46 31.59
C GLN C 1 22.15 -21.50 31.33
N VAL C 2 21.14 -21.99 30.61
CA VAL C 2 19.98 -21.18 30.28
C VAL C 2 19.07 -20.94 31.48
N SER C 3 18.90 -19.68 31.88
CA SER C 3 18.06 -19.39 33.03
C SER C 3 17.63 -17.92 33.10
N LEU C 4 16.67 -17.64 33.97
CA LEU C 4 16.21 -16.26 34.16
C LEU C 4 16.12 -15.96 35.65
N ARG C 5 16.90 -15.01 36.13
CA ARG C 5 16.90 -14.65 37.55
C ARG C 5 16.49 -13.22 37.79
N GLU C 6 15.31 -13.06 38.39
CA GLU C 6 14.82 -11.72 38.67
C GLU C 6 15.14 -11.24 40.09
N SER C 7 15.26 -9.93 40.26
CA SER C 7 15.56 -9.38 41.55
C SER C 7 15.09 -7.93 41.61
N GLY C 8 15.14 -7.38 42.82
CA GLY C 8 14.72 -6.02 43.04
C GLY C 8 13.49 -5.96 43.92
N GLY C 9 12.77 -7.08 44.00
CA GLY C 9 11.56 -7.11 44.79
C GLY C 9 11.79 -6.86 46.27
N GLY C 10 10.79 -6.29 46.92
CA GLY C 10 10.87 -6.00 48.33
C GLY C 10 9.64 -5.27 48.77
N LEU C 11 9.72 -4.65 49.94
CA LEU C 11 8.58 -3.91 50.48
C LEU C 11 8.64 -2.50 49.92
N VAL C 12 7.53 -2.02 49.39
CA VAL C 12 7.52 -0.69 48.84
C VAL C 12 6.28 0.06 49.31
N GLN C 13 6.44 1.34 49.60
CA GLN C 13 5.33 2.16 50.10
C GLN C 13 4.43 2.67 49.00
N PRO C 14 3.13 2.79 49.29
CA PRO C 14 2.19 3.29 48.28
C PRO C 14 2.68 4.63 47.74
N GLY C 15 2.71 4.74 46.42
CA GLY C 15 3.15 5.97 45.82
C GLY C 15 4.62 6.00 45.48
N ARG C 16 5.42 5.17 46.15
CA ARG C 16 6.85 5.16 45.88
C ARG C 16 7.11 4.38 44.62
N SER C 17 8.38 4.28 44.22
CA SER C 17 8.73 3.54 43.02
C SER C 17 9.89 2.59 43.26
N LEU C 18 9.85 1.46 42.55
CA LEU C 18 10.84 0.41 42.68
C LEU C 18 11.26 -0.09 41.30
N ARG C 19 12.50 -0.57 41.17
CA ARG C 19 12.98 -1.07 39.88
C ARG C 19 13.32 -2.54 39.96
N LEU C 20 12.63 -3.33 39.15
CA LEU C 20 12.86 -4.77 39.09
C LEU C 20 13.79 -5.10 37.93
N SER C 21 14.72 -6.00 38.15
CA SER C 21 15.62 -6.35 37.06
C SER C 21 15.66 -7.86 36.94
N CYS C 22 15.79 -8.33 35.69
CA CYS C 22 15.85 -9.75 35.36
C CYS C 22 17.14 -10.06 34.60
N THR C 23 17.97 -10.94 35.17
CA THR C 23 19.23 -11.33 34.53
C THR C 23 19.09 -12.62 33.73
N ALA C 24 19.49 -12.55 32.47
CA ALA C 24 19.42 -13.70 31.57
C ALA C 24 20.76 -14.39 31.31
N SER C 25 20.71 -15.65 30.90
CA SER C 25 21.92 -16.38 30.58
C SER C 25 21.60 -17.66 29.83
N GLY C 26 22.57 -18.16 29.07
CA GLY C 26 22.38 -19.39 28.33
C GLY C 26 21.77 -19.29 26.95
N PHE C 27 21.44 -18.08 26.52
CA PHE C 27 20.85 -17.86 25.20
C PHE C 27 21.21 -16.45 24.76
N THR C 28 20.90 -16.10 23.51
CA THR C 28 21.24 -14.79 22.99
C THR C 28 20.12 -13.79 23.23
N PHE C 29 20.24 -13.07 24.33
CA PHE C 29 19.27 -12.09 24.79
C PHE C 29 18.59 -11.22 23.75
N ARG C 30 19.37 -10.54 22.92
CA ARG C 30 18.81 -9.63 21.92
C ARG C 30 17.98 -10.33 20.85
N HIS C 31 18.03 -11.65 20.83
CA HIS C 31 17.30 -12.43 19.84
C HIS C 31 15.93 -12.85 20.30
N HIS C 32 15.51 -12.37 21.47
CA HIS C 32 14.22 -12.78 22.00
C HIS C 32 13.46 -11.63 22.63
N GLY C 33 12.13 -11.64 22.51
CA GLY C 33 11.34 -10.59 23.13
C GLY C 33 11.17 -10.96 24.59
N MET C 34 11.10 -9.99 25.48
CA MET C 34 10.94 -10.31 26.91
C MET C 34 9.63 -9.75 27.45
N THR C 35 9.11 -10.38 28.49
CA THR C 35 7.87 -9.91 29.04
C THR C 35 7.82 -10.08 30.55
N TRP C 36 6.94 -9.31 31.18
CA TRP C 36 6.76 -9.38 32.63
C TRP C 36 5.37 -9.87 32.88
N VAL C 37 5.26 -10.89 33.71
CA VAL C 37 3.96 -11.41 34.07
C VAL C 37 3.93 -11.40 35.61
N ARG C 38 2.79 -11.08 36.21
CA ARG C 38 2.72 -11.07 37.66
C ARG C 38 1.59 -11.93 38.18
N GLN C 39 1.62 -12.16 39.47
CA GLN C 39 0.60 -12.97 40.10
C GLN C 39 0.32 -12.46 41.50
N ALA C 40 -0.86 -11.86 41.68
CA ALA C 40 -1.26 -11.31 42.97
C ALA C 40 -1.50 -12.46 43.93
N PRO C 41 -1.24 -12.23 45.23
CA PRO C 41 -1.43 -13.26 46.26
C PRO C 41 -2.67 -14.11 46.04
N GLY C 42 -2.45 -15.43 45.93
CA GLY C 42 -3.55 -16.35 45.72
C GLY C 42 -4.44 -15.99 44.54
N LYS C 43 -3.85 -15.57 43.42
CA LYS C 43 -4.64 -15.22 42.25
C LYS C 43 -3.94 -15.84 41.04
N GLY C 44 -4.57 -15.72 39.87
CA GLY C 44 -3.98 -16.29 38.67
C GLY C 44 -2.93 -15.42 38.00
N LEU C 45 -2.38 -15.90 36.89
CA LEU C 45 -1.36 -15.14 36.17
C LEU C 45 -1.93 -13.90 35.51
N GLU C 46 -1.11 -12.87 35.42
CA GLU C 46 -1.54 -11.65 34.77
C GLU C 46 -0.39 -11.01 33.99
N TRP C 47 -0.59 -10.84 32.70
CA TRP C 47 0.42 -10.25 31.84
C TRP C 47 0.59 -8.79 32.19
N VAL C 48 1.83 -8.33 32.25
CA VAL C 48 2.07 -6.94 32.64
C VAL C 48 2.54 -6.07 31.47
N ALA C 49 3.72 -6.37 30.94
CA ALA C 49 4.28 -5.62 29.85
C ALA C 49 5.20 -6.51 29.00
N SER C 50 5.38 -6.14 27.75
CA SER C 50 6.24 -6.86 26.84
C SER C 50 7.18 -5.93 26.10
N LEU C 51 8.25 -6.51 25.58
CA LEU C 51 9.27 -5.76 24.90
C LEU C 51 9.95 -6.62 23.83
N SER C 52 10.24 -6.04 22.67
CA SER C 52 10.91 -6.80 21.63
C SER C 52 12.40 -6.95 21.90
N GLY C 53 13.09 -7.69 21.03
CA GLY C 53 14.52 -7.92 21.21
C GLY C 53 15.31 -6.64 21.19
N SER C 54 14.96 -5.77 20.25
CA SER C 54 15.65 -4.49 20.14
C SER C 54 15.16 -3.58 21.28
N GLY C 55 13.90 -3.75 21.66
CA GLY C 55 13.35 -2.96 22.73
C GLY C 55 12.64 -1.73 22.21
N THR C 56 12.56 -1.62 20.89
CA THR C 56 11.90 -0.48 20.26
C THR C 56 10.39 -0.65 20.26
N LYS C 57 9.92 -1.86 20.56
CA LYS C 57 8.51 -2.11 20.59
C LYS C 57 8.13 -2.62 21.96
N THR C 58 7.36 -1.83 22.69
CA THR C 58 6.94 -2.24 24.02
C THR C 58 5.44 -2.20 24.08
N HIS C 59 4.87 -2.93 25.05
CA HIS C 59 3.43 -2.99 25.24
C HIS C 59 3.11 -3.18 26.73
N PHE C 60 2.09 -2.47 27.20
CA PHE C 60 1.69 -2.51 28.60
C PHE C 60 0.23 -2.87 28.76
N ALA C 61 -0.16 -3.18 29.99
CA ALA C 61 -1.53 -3.52 30.34
C ALA C 61 -2.14 -2.21 30.85
N ASP C 62 -3.42 -1.98 30.58
CA ASP C 62 -4.04 -0.74 31.02
C ASP C 62 -3.88 -0.45 32.50
N SER C 63 -4.03 -1.48 33.33
CA SER C 63 -3.91 -1.30 34.76
C SER C 63 -2.53 -0.86 35.21
N VAL C 64 -1.60 -0.71 34.28
CA VAL C 64 -0.27 -0.34 34.69
C VAL C 64 0.36 0.72 33.77
N LYS C 65 -0.26 0.91 32.61
CA LYS C 65 0.23 1.89 31.64
C LYS C 65 0.31 3.26 32.28
N GLY C 66 1.41 3.96 32.00
CA GLY C 66 1.60 5.27 32.56
C GLY C 66 2.33 5.16 33.88
N ARG C 67 2.26 4.01 34.53
CA ARG C 67 2.96 3.90 35.79
C ARG C 67 4.18 3.02 35.64
N PHE C 68 4.06 1.96 34.85
CA PHE C 68 5.16 1.05 34.66
C PHE C 68 5.84 1.24 33.32
N THR C 69 7.17 1.13 33.32
CA THR C 69 7.92 1.27 32.09
C THR C 69 8.90 0.11 31.97
N ILE C 70 8.77 -0.65 30.88
CA ILE C 70 9.64 -1.80 30.60
C ILE C 70 10.86 -1.32 29.82
N SER C 71 12.01 -1.95 30.05
CA SER C 71 13.26 -1.62 29.35
C SER C 71 14.21 -2.80 29.39
N ARG C 72 15.22 -2.77 28.55
CA ARG C 72 16.18 -3.86 28.43
C ARG C 72 17.57 -3.34 28.12
N ASP C 73 18.61 -4.06 28.53
CA ASP C 73 19.98 -3.63 28.24
C ASP C 73 20.76 -4.76 27.56
N ASN C 74 20.77 -4.75 26.23
CA ASN C 74 21.48 -5.77 25.49
C ASN C 74 22.99 -5.59 25.52
N SER C 75 23.58 -5.84 26.68
CA SER C 75 25.01 -5.72 26.86
C SER C 75 25.27 -6.53 28.09
N ASN C 76 24.41 -6.33 29.08
CA ASN C 76 24.51 -7.03 30.34
C ASN C 76 23.42 -8.09 30.46
N ASN C 77 22.70 -8.34 29.36
CA ASN C 77 21.64 -9.35 29.37
C ASN C 77 20.64 -9.13 30.50
N THR C 78 20.20 -7.89 30.64
CA THR C 78 19.27 -7.56 31.71
C THR C 78 17.96 -6.97 31.24
N LEU C 79 16.89 -7.42 31.88
CA LEU C 79 15.56 -6.95 31.55
C LEU C 79 15.07 -6.17 32.76
N TYR C 80 14.63 -4.94 32.54
CA TYR C 80 14.15 -4.11 33.62
C TYR C 80 12.63 -3.89 33.59
N LEU C 81 12.12 -3.40 34.71
CA LEU C 81 10.72 -3.05 34.90
C LEU C 81 10.70 -1.98 35.97
N GLN C 82 10.31 -0.76 35.56
CA GLN C 82 10.21 0.41 36.43
C GLN C 82 8.77 0.57 36.89
N MET C 83 8.56 0.40 38.19
CA MET C 83 7.25 0.53 38.80
C MET C 83 7.15 1.86 39.53
N ASP C 84 6.39 2.81 38.97
CA ASP C 84 6.23 4.11 39.62
C ASP C 84 4.79 4.27 40.10
N ASN C 85 4.63 5.07 41.16
CA ASN C 85 3.34 5.32 41.79
C ASN C 85 2.63 4.00 42.02
N VAL C 86 3.26 3.12 42.80
CA VAL C 86 2.71 1.80 43.09
C VAL C 86 1.47 1.81 43.97
N ARG C 87 0.44 1.13 43.50
CA ARG C 87 -0.79 1.00 44.24
C ARG C 87 -0.71 -0.30 45.02
N ASP C 88 -1.70 -0.54 45.88
CA ASP C 88 -1.76 -1.76 46.69
C ASP C 88 -1.93 -2.97 45.77
N GLU C 89 -2.71 -2.77 44.70
CA GLU C 89 -3.02 -3.78 43.72
C GLU C 89 -1.78 -4.29 42.96
N ASP C 90 -0.65 -3.66 43.19
CA ASP C 90 0.54 -4.12 42.52
C ASP C 90 1.25 -5.21 43.32
N THR C 91 0.78 -5.51 44.53
CA THR C 91 1.41 -6.58 45.31
C THR C 91 1.25 -7.90 44.56
N ALA C 92 2.37 -8.52 44.25
CA ALA C 92 2.37 -9.79 43.52
C ALA C 92 3.77 -10.32 43.29
N ILE C 93 3.83 -11.53 42.73
CA ILE C 93 5.09 -12.14 42.40
C ILE C 93 5.33 -11.76 40.96
N TYR C 94 6.36 -10.98 40.69
CA TYR C 94 6.62 -10.58 39.32
C TYR C 94 7.53 -11.58 38.65
N TYR C 95 6.99 -12.21 37.62
CA TYR C 95 7.73 -13.20 36.85
C TYR C 95 8.34 -12.61 35.59
N CYS C 96 9.56 -13.06 35.31
CA CYS C 96 10.34 -12.69 34.15
C CYS C 96 10.19 -13.79 33.09
N ALA C 97 9.73 -13.48 31.89
CA ALA C 97 9.61 -14.53 30.88
C ALA C 97 10.20 -14.18 29.51
N LYS C 98 10.77 -15.19 28.84
CA LYS C 98 11.41 -15.05 27.53
C LYS C 98 10.56 -15.58 26.36
N ALA C 99 10.37 -14.74 25.35
CA ALA C 99 9.60 -15.09 24.16
C ALA C 99 10.41 -15.97 23.22
N LYS C 100 9.70 -16.77 22.43
CA LYS C 100 10.36 -17.67 21.50
C LYS C 100 11.01 -16.95 20.34
N ARG C 101 10.42 -15.84 19.92
CA ARG C 101 10.97 -15.09 18.80
C ARG C 101 11.49 -13.72 19.20
N VAL C 102 12.03 -12.97 18.24
CA VAL C 102 12.59 -11.66 18.52
C VAL C 102 11.60 -10.61 18.93
N GLY C 103 10.34 -10.78 18.54
CA GLY C 103 9.37 -9.78 18.91
C GLY C 103 8.60 -10.28 20.12
N ALA C 104 7.66 -9.48 20.58
CA ALA C 104 6.82 -9.87 21.69
C ALA C 104 6.01 -10.95 20.98
N THR C 105 6.39 -12.20 21.16
CA THR C 105 5.71 -13.28 20.48
C THR C 105 4.32 -13.59 21.03
N GLY C 106 4.19 -13.69 22.35
CA GLY C 106 2.92 -14.00 22.97
C GLY C 106 3.05 -15.23 23.85
N TYR C 107 3.98 -16.11 23.52
CA TYR C 107 4.20 -17.31 24.31
C TYR C 107 5.65 -17.33 24.73
N PHE C 108 5.88 -17.81 25.94
CA PHE C 108 7.22 -17.83 26.52
C PHE C 108 7.69 -19.17 27.03
N ASP C 109 8.78 -19.66 26.43
CA ASP C 109 9.36 -20.95 26.78
C ASP C 109 10.32 -20.92 27.96
N LEU C 110 10.62 -19.75 28.48
CA LEU C 110 11.53 -19.72 29.62
C LEU C 110 11.06 -18.72 30.66
N TRP C 111 10.98 -19.16 31.90
CA TRP C 111 10.54 -18.25 32.93
C TRP C 111 11.52 -18.27 34.08
N GLY C 112 11.35 -17.34 35.01
CA GLY C 112 12.20 -17.27 36.17
C GLY C 112 11.31 -17.61 37.34
N ARG C 113 11.87 -17.72 38.54
CA ARG C 113 11.08 -18.05 39.74
C ARG C 113 10.19 -16.89 40.22
N GLY C 114 10.50 -15.66 39.79
CA GLY C 114 9.72 -14.51 40.20
C GLY C 114 10.25 -13.84 41.46
N THR C 115 9.85 -12.58 41.69
CA THR C 115 10.21 -11.82 42.88
C THR C 115 8.92 -11.24 43.44
N LEU C 116 8.79 -11.30 44.77
CA LEU C 116 7.62 -10.79 45.44
C LEU C 116 7.74 -9.33 45.77
N VAL C 117 6.76 -8.56 45.32
CA VAL C 117 6.74 -7.15 45.60
C VAL C 117 5.53 -6.94 46.52
N THR C 118 5.78 -6.38 47.69
CA THR C 118 4.71 -6.12 48.65
C THR C 118 4.59 -4.63 48.86
N VAL C 119 3.47 -4.05 48.47
CA VAL C 119 3.31 -2.63 48.67
C VAL C 119 2.43 -2.36 49.88
N SER C 120 3.05 -1.93 50.98
CA SER C 120 2.31 -1.60 52.18
C SER C 120 2.97 -0.46 52.90
N SER C 121 2.30 0.01 53.96
CA SER C 121 2.79 1.09 54.77
C SER C 121 3.45 0.63 56.07
N ALA C 122 3.24 -0.63 56.48
CA ALA C 122 3.83 -1.19 57.70
C ALA C 122 5.37 -1.16 57.63
N SER C 123 6.04 -1.30 58.77
CA SER C 123 7.49 -1.29 58.77
C SER C 123 8.09 -2.69 58.69
N THR C 124 9.28 -2.78 58.10
CA THR C 124 9.97 -4.05 57.98
C THR C 124 10.35 -4.56 59.35
N LYS C 125 10.18 -5.86 59.54
CA LYS C 125 10.52 -6.51 60.81
C LYS C 125 11.16 -7.88 60.61
N GLY C 126 12.36 -8.03 61.14
CA GLY C 126 13.07 -9.30 61.05
C GLY C 126 12.40 -10.31 61.96
N PRO C 127 12.35 -11.58 61.54
CA PRO C 127 11.72 -12.65 62.32
C PRO C 127 12.57 -13.12 63.51
N SER C 128 11.99 -14.08 64.22
CA SER C 128 12.64 -14.71 65.34
C SER C 128 12.54 -16.21 65.11
N VAL C 129 13.69 -16.87 65.03
CA VAL C 129 13.74 -18.31 64.81
C VAL C 129 13.85 -19.10 66.11
N PHE C 130 12.92 -20.01 66.32
CA PHE C 130 12.93 -20.86 67.50
C PHE C 130 13.10 -22.33 67.08
N PRO C 131 13.93 -23.09 67.80
CA PRO C 131 14.14 -24.49 67.44
C PRO C 131 12.98 -25.39 67.80
N LEU C 132 12.71 -26.40 66.97
CA LEU C 132 11.64 -27.35 67.25
C LEU C 132 12.33 -28.64 67.63
N ALA C 133 12.87 -28.66 68.84
CA ALA C 133 13.61 -29.81 69.38
C ALA C 133 12.90 -31.15 69.27
N PRO C 134 13.65 -32.19 68.85
CA PRO C 134 13.14 -33.55 68.68
C PRO C 134 12.61 -34.11 70.00
N SER C 135 11.28 -34.23 70.10
CA SER C 135 10.67 -34.76 71.30
C SER C 135 11.31 -36.10 71.66
N SER C 136 11.07 -36.57 72.88
CA SER C 136 11.61 -37.84 73.34
C SER C 136 10.99 -38.93 72.47
N LYS C 137 9.97 -38.56 71.71
CA LYS C 137 9.27 -39.48 70.81
C LYS C 137 10.12 -39.68 69.57
N SER C 138 11.42 -39.48 69.72
CA SER C 138 12.38 -39.64 68.62
C SER C 138 12.56 -41.12 68.24
N THR C 139 11.85 -41.99 68.95
CA THR C 139 11.91 -43.44 68.70
C THR C 139 10.64 -43.94 67.99
N SER C 140 10.19 -43.16 67.00
CA SER C 140 8.99 -43.48 66.22
C SER C 140 9.36 -43.92 64.79
N GLY C 141 9.98 -45.08 64.69
CA GLY C 141 10.38 -45.60 63.39
C GLY C 141 11.87 -45.46 63.16
N GLY C 142 12.60 -45.03 64.20
CA GLY C 142 14.03 -44.86 64.07
C GLY C 142 14.39 -43.54 63.41
N THR C 143 13.36 -42.77 63.06
CA THR C 143 13.55 -41.46 62.42
C THR C 143 12.87 -40.36 63.24
N ALA C 144 13.66 -39.39 63.68
CA ALA C 144 13.12 -38.29 64.48
C ALA C 144 12.79 -37.08 63.63
N ALA C 145 11.83 -36.29 64.10
CA ALA C 145 11.42 -35.08 63.40
C ALA C 145 11.93 -33.88 64.18
N LEU C 146 12.24 -32.81 63.47
CA LEU C 146 12.74 -31.60 64.12
C LEU C 146 12.68 -30.46 63.12
N GLY C 147 12.61 -29.23 63.59
CA GLY C 147 12.55 -28.10 62.69
C GLY C 147 12.81 -26.75 63.32
N CYS C 148 12.30 -25.71 62.68
CA CYS C 148 12.45 -24.35 63.17
C CYS C 148 11.13 -23.59 63.13
N LEU C 149 11.03 -22.52 63.91
CA LEU C 149 9.83 -21.72 63.91
C LEU C 149 10.23 -20.26 63.72
N VAL C 150 10.07 -19.76 62.50
CA VAL C 150 10.43 -18.36 62.22
C VAL C 150 9.14 -17.54 62.49
N LYS C 151 9.13 -16.81 63.59
CA LYS C 151 7.95 -16.05 63.97
C LYS C 151 8.08 -14.52 63.87
N ASP C 152 6.94 -13.88 63.60
CA ASP C 152 6.84 -12.42 63.51
C ASP C 152 7.79 -11.64 62.63
N TYR C 153 7.48 -11.60 61.34
CA TYR C 153 8.28 -10.86 60.37
C TYR C 153 7.38 -10.18 59.36
N PHE C 154 7.97 -9.30 58.57
CA PHE C 154 7.23 -8.56 57.56
C PHE C 154 8.19 -7.68 56.77
N PRO C 155 8.01 -7.64 55.44
CA PRO C 155 6.98 -8.39 54.73
C PRO C 155 7.59 -9.73 54.38
N GLU C 156 7.12 -10.32 53.29
CA GLU C 156 7.65 -11.59 52.84
C GLU C 156 8.63 -11.32 51.72
N PRO C 157 9.39 -12.35 51.30
CA PRO C 157 9.36 -13.72 51.80
C PRO C 157 10.40 -13.95 52.86
N VAL C 158 10.73 -15.22 53.03
CA VAL C 158 11.72 -15.65 54.00
C VAL C 158 12.15 -17.04 53.56
N THR C 159 13.37 -17.16 53.05
CA THR C 159 13.87 -18.47 52.61
C THR C 159 14.44 -19.24 53.78
N VAL C 160 14.33 -20.57 53.73
CA VAL C 160 14.86 -21.43 54.80
C VAL C 160 15.51 -22.69 54.28
N SER C 161 16.75 -22.91 54.67
CA SER C 161 17.47 -24.10 54.25
C SER C 161 17.98 -24.86 55.47
N TRP C 162 18.44 -26.09 55.25
CA TRP C 162 18.99 -26.89 56.34
C TRP C 162 20.44 -27.27 56.08
N ASN C 163 21.28 -27.02 57.08
CA ASN C 163 22.72 -27.29 57.00
C ASN C 163 23.28 -26.65 55.76
N SER C 164 22.92 -25.38 55.56
CA SER C 164 23.40 -24.61 54.42
C SER C 164 23.14 -25.24 53.06
N GLY C 165 21.93 -25.74 52.86
CA GLY C 165 21.57 -26.33 51.57
C GLY C 165 21.93 -27.79 51.36
N ALA C 166 22.76 -28.33 52.25
CA ALA C 166 23.18 -29.71 52.15
C ALA C 166 22.02 -30.69 52.42
N LEU C 167 21.21 -30.37 53.44
CA LEU C 167 20.08 -31.21 53.83
C LEU C 167 18.82 -30.83 53.08
N THR C 168 18.46 -31.68 52.12
CA THR C 168 17.30 -31.46 51.27
C THR C 168 16.21 -32.52 51.49
N SER C 169 16.61 -33.78 51.42
CA SER C 169 15.67 -34.88 51.59
C SER C 169 14.93 -34.81 52.93
N GLY C 170 13.60 -34.85 52.86
CA GLY C 170 12.77 -34.83 54.06
C GLY C 170 12.34 -33.47 54.58
N VAL C 171 12.88 -32.41 53.99
CA VAL C 171 12.58 -31.03 54.39
C VAL C 171 11.20 -30.61 53.95
N HIS C 172 10.45 -29.99 54.86
CA HIS C 172 9.12 -29.52 54.58
C HIS C 172 8.90 -28.11 55.11
N THR C 173 9.10 -27.11 54.26
CA THR C 173 8.90 -25.74 54.68
C THR C 173 7.43 -25.40 54.44
N PHE C 174 6.76 -24.96 55.49
CA PHE C 174 5.36 -24.62 55.38
C PHE C 174 5.10 -23.19 54.89
N PRO C 175 4.02 -23.02 54.11
CA PRO C 175 3.70 -21.68 53.62
C PRO C 175 3.49 -20.76 54.83
N ALA C 176 3.90 -19.51 54.67
CA ALA C 176 3.75 -18.53 55.73
C ALA C 176 2.28 -18.26 55.98
N VAL C 177 1.95 -17.86 57.20
CA VAL C 177 0.58 -17.54 57.59
C VAL C 177 0.57 -16.13 58.18
N LEU C 178 -0.51 -15.40 57.95
CA LEU C 178 -0.62 -14.05 58.46
C LEU C 178 -1.25 -14.09 59.85
N GLN C 179 -0.46 -13.67 60.85
CA GLN C 179 -0.92 -13.67 62.22
C GLN C 179 -1.77 -12.42 62.52
N SER C 180 -2.61 -12.53 63.54
CA SER C 180 -3.50 -11.46 63.95
C SER C 180 -2.76 -10.15 64.28
N SER C 181 -1.44 -10.23 64.41
CA SER C 181 -0.62 -9.06 64.70
C SER C 181 -0.17 -8.44 63.39
N GLY C 182 -0.73 -8.93 62.29
CA GLY C 182 -0.34 -8.41 61.00
C GLY C 182 1.00 -8.96 60.52
N LEU C 183 1.75 -9.60 61.42
CA LEU C 183 3.05 -10.16 61.08
C LEU C 183 2.88 -11.59 60.53
N TYR C 184 3.89 -12.06 59.79
CA TYR C 184 3.87 -13.40 59.23
C TYR C 184 4.59 -14.39 60.13
N SER C 185 4.16 -15.65 60.09
CA SER C 185 4.79 -16.71 60.88
C SER C 185 4.87 -17.98 60.04
N LEU C 186 6.02 -18.65 60.09
CA LEU C 186 6.23 -19.86 59.32
C LEU C 186 6.97 -20.94 60.12
N SER C 187 6.95 -22.16 59.61
CA SER C 187 7.59 -23.25 60.29
C SER C 187 8.23 -24.16 59.24
N SER C 188 9.36 -24.77 59.59
CA SER C 188 10.07 -25.66 58.69
C SER C 188 10.58 -26.88 59.47
N VAL C 189 10.20 -28.07 59.03
CA VAL C 189 10.62 -29.30 59.70
C VAL C 189 11.35 -30.23 58.74
N VAL C 190 12.06 -31.21 59.31
CA VAL C 190 12.81 -32.20 58.55
C VAL C 190 12.84 -33.52 59.30
N THR C 191 12.86 -34.61 58.54
CA THR C 191 12.94 -35.94 59.12
C THR C 191 14.34 -36.49 58.89
N VAL C 192 14.94 -37.03 59.95
CA VAL C 192 16.28 -37.61 59.90
C VAL C 192 16.34 -38.87 60.77
N PRO C 193 17.37 -39.71 60.57
CA PRO C 193 17.46 -40.93 61.39
C PRO C 193 17.84 -40.60 62.83
N SER C 194 17.01 -41.00 63.78
CA SER C 194 17.28 -40.73 65.17
C SER C 194 18.67 -41.24 65.58
N SER C 195 19.20 -42.17 64.79
CA SER C 195 20.50 -42.75 65.08
C SER C 195 21.65 -41.82 64.71
N SER C 196 21.34 -40.57 64.37
CA SER C 196 22.38 -39.60 64.01
C SER C 196 22.22 -38.29 64.79
N LEU C 197 21.35 -38.29 65.79
CA LEU C 197 21.11 -37.10 66.60
C LEU C 197 22.22 -36.92 67.64
N GLY C 198 23.31 -37.67 67.48
CA GLY C 198 24.40 -37.56 68.44
C GLY C 198 25.73 -37.21 67.82
N THR C 199 25.84 -37.38 66.50
CA THR C 199 27.07 -37.10 65.77
C THR C 199 26.86 -36.06 64.66
N GLN C 200 25.62 -35.95 64.20
CA GLN C 200 25.27 -35.02 63.15
C GLN C 200 24.63 -33.78 63.75
N THR C 201 24.88 -32.62 63.15
CA THR C 201 24.31 -31.38 63.65
C THR C 201 23.27 -30.88 62.65
N TYR C 202 22.12 -30.48 63.15
CA TYR C 202 21.05 -30.00 62.30
C TYR C 202 20.72 -28.54 62.59
N ILE C 203 21.04 -27.67 61.64
CA ILE C 203 20.81 -26.25 61.80
C ILE C 203 20.06 -25.64 60.62
N CYS C 204 18.96 -24.93 60.90
CA CYS C 204 18.19 -24.28 59.85
C CYS C 204 18.68 -22.84 59.72
N ASN C 205 18.77 -22.37 58.48
CA ASN C 205 19.22 -21.02 58.22
C ASN C 205 18.13 -20.22 57.55
N VAL C 206 17.65 -19.18 58.22
CA VAL C 206 16.60 -18.38 57.63
C VAL C 206 17.13 -17.01 57.23
N ASN C 207 16.75 -16.56 56.05
CA ASN C 207 17.17 -15.26 55.56
C ASN C 207 15.94 -14.44 55.24
N HIS C 208 15.93 -13.21 55.72
CA HIS C 208 14.83 -12.32 55.46
C HIS C 208 15.43 -11.12 54.75
N LYS C 209 15.47 -11.15 53.43
CA LYS C 209 16.04 -10.05 52.68
C LYS C 209 15.51 -8.69 53.16
N PRO C 210 14.17 -8.51 53.22
CA PRO C 210 13.61 -7.24 53.67
C PRO C 210 14.25 -6.69 54.94
N SER C 211 14.19 -7.47 56.01
CA SER C 211 14.78 -7.10 57.29
C SER C 211 16.30 -7.09 57.23
N ASN C 212 16.83 -7.59 56.13
CA ASN C 212 18.25 -7.66 55.95
C ASN C 212 18.89 -8.38 57.12
N THR C 213 18.35 -9.54 57.48
CA THR C 213 18.88 -10.30 58.60
C THR C 213 18.91 -11.80 58.36
N LYS C 214 20.11 -12.37 58.38
CA LYS C 214 20.32 -13.79 58.21
C LYS C 214 20.39 -14.40 59.61
N VAL C 215 19.94 -15.65 59.76
CA VAL C 215 19.95 -16.29 61.08
C VAL C 215 20.23 -17.79 61.03
N ASP C 216 20.97 -18.27 62.02
CA ASP C 216 21.31 -19.69 62.12
C ASP C 216 20.85 -20.23 63.46
N LYS C 217 19.99 -21.24 63.43
CA LYS C 217 19.50 -21.85 64.66
C LYS C 217 19.63 -23.37 64.58
N LYS C 218 20.15 -23.96 65.65
CA LYS C 218 20.35 -25.41 65.74
C LYS C 218 19.18 -26.08 66.42
N ALA C 219 18.84 -27.27 65.95
CA ALA C 219 17.74 -28.03 66.52
C ALA C 219 18.31 -29.27 67.21
N GLU C 220 18.48 -29.17 68.53
CA GLU C 220 19.02 -30.28 69.32
C GLU C 220 17.95 -30.98 70.13
N PRO C 221 18.17 -32.27 70.46
CA PRO C 221 17.21 -33.03 71.26
C PRO C 221 17.18 -32.66 72.75
N THR D 4 28.70 9.72 -4.24
CA THR D 4 28.85 8.24 -4.05
C THR D 4 29.24 7.57 -5.37
N GLN D 5 30.37 7.97 -5.93
CA GLN D 5 30.87 7.41 -7.17
C GLN D 5 29.86 7.55 -8.31
N THR D 6 29.60 8.78 -8.71
CA THR D 6 28.64 9.05 -9.78
C THR D 6 29.37 9.33 -11.09
N MET D 7 28.61 9.31 -12.19
CA MET D 7 29.19 9.57 -13.50
C MET D 7 29.96 10.88 -13.49
N LYS D 8 30.92 11.00 -14.40
CA LYS D 8 31.76 12.21 -14.50
C LYS D 8 30.95 13.36 -15.11
N GLY D 9 31.47 13.95 -16.18
CA GLY D 9 30.77 15.04 -16.82
C GLY D 9 29.55 14.53 -17.57
N LEU D 10 28.40 15.19 -17.40
CA LEU D 10 27.16 14.79 -18.06
C LEU D 10 26.70 15.81 -19.09
N ASP D 11 26.28 15.35 -20.27
CA ASP D 11 25.79 16.24 -21.34
C ASP D 11 24.28 16.47 -21.18
N ILE D 12 23.93 17.42 -20.33
CA ILE D 12 22.55 17.76 -20.02
C ILE D 12 21.69 17.90 -21.27
N GLN D 13 22.26 18.50 -22.32
CA GLN D 13 21.50 18.69 -23.56
C GLN D 13 20.98 17.41 -24.21
N LYS D 14 21.68 16.30 -23.99
CA LYS D 14 21.27 15.03 -24.60
C LYS D 14 20.32 14.11 -23.83
N VAL D 15 20.11 14.39 -22.55
CA VAL D 15 19.21 13.55 -21.77
C VAL D 15 17.76 13.99 -21.96
N ALA D 16 17.59 15.09 -22.68
CA ALA D 16 16.27 15.63 -22.93
C ALA D 16 15.40 14.69 -23.73
N GLY D 17 14.10 14.79 -23.49
CA GLY D 17 13.17 13.95 -24.20
C GLY D 17 12.38 13.03 -23.28
N THR D 18 11.60 12.15 -23.89
CA THR D 18 10.77 11.22 -23.18
C THR D 18 11.54 10.06 -22.56
N TRP D 19 11.08 9.65 -21.38
CA TRP D 19 11.70 8.51 -20.70
C TRP D 19 10.64 7.70 -19.98
N TYR D 20 11.03 6.52 -19.54
CA TYR D 20 10.13 5.64 -18.81
C TYR D 20 10.87 5.11 -17.60
N SER D 21 10.17 4.96 -16.49
CA SER D 21 10.80 4.42 -15.29
C SER D 21 10.59 2.89 -15.35
N LEU D 22 11.65 2.18 -15.75
CA LEU D 22 11.63 0.72 -15.88
C LEU D 22 11.74 -0.02 -14.55
N ALA D 23 12.71 0.38 -13.74
CA ALA D 23 12.98 -0.24 -12.46
C ALA D 23 13.38 0.77 -11.40
N MET D 24 13.09 0.48 -10.15
CA MET D 24 13.46 1.40 -9.08
C MET D 24 13.78 0.62 -7.78
N ALA D 25 14.64 1.20 -6.94
CA ALA D 25 15.02 0.57 -5.69
C ALA D 25 15.21 1.60 -4.59
N ALA D 26 15.12 1.18 -3.34
CA ALA D 26 15.31 2.12 -2.23
C ALA D 26 15.99 1.45 -1.04
N SER D 27 16.59 2.28 -0.19
CA SER D 27 17.26 1.78 1.01
C SER D 27 16.23 1.30 2.03
N ASP D 28 15.04 1.88 2.01
CA ASP D 28 13.98 1.49 2.92
C ASP D 28 12.74 1.06 2.18
N ILE D 29 12.24 -0.14 2.49
CA ILE D 29 11.04 -0.68 1.86
C ILE D 29 9.90 0.34 1.81
N SER D 30 9.63 0.98 2.94
CA SER D 30 8.56 1.96 3.06
C SER D 30 8.62 3.08 2.03
N LEU D 31 9.81 3.32 1.50
CA LEU D 31 10.02 4.36 0.50
C LEU D 31 9.32 4.08 -0.81
N LEU D 32 9.16 2.79 -1.13
CA LEU D 32 8.52 2.35 -2.36
C LEU D 32 7.35 1.41 -2.10
N ASP D 33 7.33 0.79 -0.93
CA ASP D 33 6.28 -0.16 -0.56
C ASP D 33 4.94 0.55 -0.65
N ALA D 34 4.02 -0.06 -1.39
CA ALA D 34 2.68 0.47 -1.61
C ALA D 34 2.78 1.60 -2.64
N GLN D 35 1.94 1.53 -3.67
CA GLN D 35 1.91 2.51 -4.76
C GLN D 35 1.92 3.98 -4.31
N SER D 36 1.26 4.24 -3.18
CA SER D 36 1.16 5.59 -2.63
C SER D 36 2.41 5.87 -1.79
N ALA D 37 3.57 5.60 -2.37
CA ALA D 37 4.84 5.82 -1.70
C ALA D 37 5.36 7.24 -1.93
N PRO D 38 6.20 7.72 -0.99
CA PRO D 38 6.80 9.06 -1.04
C PRO D 38 7.91 9.22 -2.06
N LEU D 39 8.41 8.11 -2.60
CA LEU D 39 9.49 8.16 -3.59
C LEU D 39 9.16 7.30 -4.79
N ARG D 40 7.89 6.94 -4.89
CA ARG D 40 7.45 6.13 -6.00
C ARG D 40 7.00 7.06 -7.12
N VAL D 41 7.98 7.71 -7.76
CA VAL D 41 7.70 8.64 -8.83
C VAL D 41 8.04 8.02 -10.16
N TYR D 42 7.44 8.54 -11.23
CA TYR D 42 7.69 8.05 -12.57
C TYR D 42 8.10 9.19 -13.49
N VAL D 43 9.31 9.08 -14.05
CA VAL D 43 9.82 10.10 -14.96
C VAL D 43 9.12 9.93 -16.29
N GLU D 44 8.86 11.04 -16.98
CA GLU D 44 8.20 11.02 -18.27
C GLU D 44 8.97 11.88 -19.27
N GLU D 45 9.37 13.08 -18.84
CA GLU D 45 10.07 14.03 -19.68
C GLU D 45 11.18 14.78 -18.93
N LEU D 46 12.29 15.04 -19.64
CA LEU D 46 13.42 15.78 -19.11
C LEU D 46 13.63 16.95 -20.07
N LYS D 47 13.33 18.14 -19.59
CA LYS D 47 13.44 19.35 -20.37
C LYS D 47 14.51 20.29 -19.81
N PRO D 48 15.68 20.35 -20.46
CA PRO D 48 16.79 21.21 -20.03
C PRO D 48 16.46 22.69 -20.26
N THR D 49 16.77 23.51 -19.27
CA THR D 49 16.51 24.94 -19.37
C THR D 49 17.77 25.65 -19.89
N PRO D 50 17.59 26.90 -20.34
CA PRO D 50 18.73 27.67 -20.86
C PRO D 50 19.82 27.89 -19.79
N GLU D 51 19.40 28.19 -18.57
CA GLU D 51 20.36 28.42 -17.49
C GLU D 51 21.14 27.16 -17.10
N GLY D 52 20.91 26.06 -17.82
CA GLY D 52 21.64 24.83 -17.53
C GLY D 52 20.96 23.89 -16.55
N ASP D 53 19.76 24.25 -16.09
CA ASP D 53 19.02 23.41 -15.15
C ASP D 53 18.25 22.35 -15.93
N LEU D 54 17.55 21.49 -15.20
CA LEU D 54 16.79 20.42 -15.84
C LEU D 54 15.37 20.26 -15.30
N GLU D 55 14.39 20.60 -16.13
CA GLU D 55 12.99 20.47 -15.75
C GLU D 55 12.58 19.01 -15.92
N ILE D 56 11.77 18.52 -14.98
CA ILE D 56 11.35 17.13 -14.99
C ILE D 56 9.86 16.98 -14.84
N LEU D 57 9.27 16.27 -15.78
CA LEU D 57 7.83 16.01 -15.75
C LEU D 57 7.66 14.61 -15.20
N LEU D 58 6.92 14.48 -14.11
CA LEU D 58 6.73 13.16 -13.51
C LEU D 58 5.35 12.92 -12.91
N GLN D 59 5.11 11.68 -12.51
CA GLN D 59 3.84 11.28 -11.90
C GLN D 59 4.10 10.54 -10.59
N LYS D 60 3.19 10.73 -9.64
CA LYS D 60 3.31 10.08 -8.34
C LYS D 60 1.97 10.05 -7.64
N TRP D 61 1.72 8.99 -6.87
CA TRP D 61 0.45 8.87 -6.17
C TRP D 61 0.33 9.88 -5.05
N GLU D 62 -0.86 10.44 -4.89
CA GLU D 62 -1.11 11.46 -3.88
C GLU D 62 -2.60 11.50 -3.49
N ASN D 63 -2.91 11.01 -2.30
CA ASN D 63 -4.28 10.98 -1.80
C ASN D 63 -5.26 10.29 -2.75
N GLY D 64 -5.03 9.02 -3.01
CA GLY D 64 -5.91 8.26 -3.90
C GLY D 64 -6.10 8.83 -5.28
N GLU D 65 -5.01 9.25 -5.91
CA GLU D 65 -5.06 9.80 -7.26
C GLU D 65 -3.65 10.06 -7.75
N CYS D 66 -3.43 9.78 -9.03
CA CYS D 66 -2.13 9.99 -9.65
C CYS D 66 -2.01 11.46 -10.01
N ALA D 67 -0.91 12.11 -9.64
CA ALA D 67 -0.74 13.52 -9.94
C ALA D 67 0.47 13.81 -10.81
N GLN D 68 0.34 14.84 -11.67
CA GLN D 68 1.42 15.24 -12.55
C GLN D 68 2.18 16.38 -11.87
N LYS D 69 3.50 16.33 -11.90
CA LYS D 69 4.29 17.38 -11.28
C LYS D 69 5.53 17.75 -12.09
N LYS D 70 5.85 19.04 -12.10
CA LYS D 70 7.02 19.54 -12.82
C LYS D 70 8.03 19.97 -11.78
N ILE D 71 9.20 19.33 -11.81
CA ILE D 71 10.26 19.65 -10.88
C ILE D 71 11.49 20.21 -11.60
N ILE D 72 12.22 21.08 -10.91
CA ILE D 72 13.43 21.67 -11.48
C ILE D 72 14.66 21.28 -10.68
N ALA D 73 15.54 20.50 -11.29
CA ALA D 73 16.78 20.09 -10.63
C ALA D 73 17.86 21.08 -11.08
N GLU D 74 18.26 21.94 -10.16
CA GLU D 74 19.27 22.96 -10.45
C GLU D 74 20.65 22.33 -10.47
N LYS D 75 21.45 22.67 -11.47
CA LYS D 75 22.80 22.15 -11.59
C LYS D 75 23.67 22.77 -10.51
N THR D 76 24.63 21.98 -10.02
CA THR D 76 25.53 22.44 -8.98
C THR D 76 26.98 22.43 -9.45
N LYS D 77 27.88 22.75 -8.52
CA LYS D 77 29.32 22.80 -8.78
C LYS D 77 29.92 21.39 -8.78
N ILE D 78 29.04 20.40 -8.98
CA ILE D 78 29.42 19.00 -9.01
C ILE D 78 28.92 18.44 -10.34
N PRO D 79 29.80 17.74 -11.08
CA PRO D 79 29.51 17.13 -12.39
C PRO D 79 28.05 16.75 -12.69
N ALA D 80 27.70 15.50 -12.42
CA ALA D 80 26.35 15.01 -12.68
C ALA D 80 25.50 14.98 -11.42
N VAL D 81 25.49 16.09 -10.69
CA VAL D 81 24.71 16.18 -9.46
C VAL D 81 23.85 17.45 -9.45
N PHE D 82 22.54 17.27 -9.37
CA PHE D 82 21.63 18.41 -9.35
C PHE D 82 20.91 18.48 -8.03
N LYS D 83 20.18 19.56 -7.81
CA LYS D 83 19.46 19.71 -6.56
C LYS D 83 18.01 20.13 -6.77
N ILE D 84 17.14 19.65 -5.90
CA ILE D 84 15.72 19.97 -5.97
C ILE D 84 15.38 20.94 -4.85
N ASP D 85 14.87 22.11 -5.23
CA ASP D 85 14.54 23.13 -4.25
C ASP D 85 13.45 22.73 -3.26
N ALA D 86 12.80 21.59 -3.51
CA ALA D 86 11.75 21.12 -2.61
C ALA D 86 12.36 20.92 -1.21
N LEU D 87 11.50 20.80 -0.21
CA LEU D 87 11.96 20.60 1.17
C LEU D 87 12.86 19.37 1.27
N ASN D 88 13.54 19.24 2.41
CA ASN D 88 14.45 18.12 2.67
C ASN D 88 15.72 18.22 1.81
N GLU D 89 15.65 18.98 0.71
CA GLU D 89 16.77 19.15 -0.21
C GLU D 89 17.21 17.87 -0.90
N ASN D 90 16.29 17.23 -1.60
CA ASN D 90 16.57 15.99 -2.32
C ASN D 90 17.68 16.20 -3.36
N LYS D 91 18.69 15.34 -3.36
CA LYS D 91 19.76 15.45 -4.34
C LYS D 91 19.69 14.31 -5.31
N VAL D 92 19.86 14.64 -6.58
CA VAL D 92 19.81 13.67 -7.64
C VAL D 92 21.19 13.46 -8.21
N LEU D 93 21.54 12.21 -8.48
CA LEU D 93 22.87 11.91 -9.01
C LEU D 93 22.71 10.99 -10.20
N VAL D 94 23.38 11.34 -11.30
CA VAL D 94 23.32 10.53 -12.50
C VAL D 94 24.49 9.56 -12.45
N LEU D 95 24.17 8.29 -12.28
CA LEU D 95 25.19 7.26 -12.18
C LEU D 95 25.78 6.91 -13.53
N ASP D 96 24.93 6.75 -14.53
CA ASP D 96 25.42 6.40 -15.85
C ASP D 96 24.32 6.60 -16.90
N THR D 97 24.72 6.66 -18.18
CA THR D 97 23.77 6.84 -19.27
C THR D 97 24.45 6.79 -20.62
N ASP D 98 23.76 6.24 -21.62
CA ASP D 98 24.27 6.16 -22.98
C ASP D 98 23.53 7.19 -23.83
N TYR D 99 22.64 7.94 -23.18
CA TYR D 99 21.84 8.98 -23.84
C TYR D 99 20.78 8.46 -24.83
N LYS D 100 21.11 7.42 -25.58
CA LYS D 100 20.19 6.87 -26.58
C LYS D 100 19.27 5.74 -26.12
N LYS D 101 19.60 5.08 -25.01
CA LYS D 101 18.79 3.96 -24.53
C LYS D 101 18.44 3.94 -23.05
N TYR D 102 19.41 4.15 -22.17
CA TYR D 102 19.15 4.11 -20.74
C TYR D 102 19.77 5.28 -20.00
N LEU D 103 19.42 5.39 -18.73
CA LEU D 103 19.94 6.41 -17.85
C LEU D 103 19.68 5.94 -16.43
N LEU D 104 20.68 6.07 -15.57
CA LEU D 104 20.57 5.62 -14.18
C LEU D 104 20.81 6.73 -13.18
N PHE D 105 19.91 6.89 -12.23
CA PHE D 105 20.07 7.93 -11.25
C PHE D 105 19.58 7.53 -9.89
N CYS D 106 19.95 8.31 -8.89
CA CYS D 106 19.53 8.06 -7.52
C CYS D 106 19.14 9.39 -6.91
N MET D 107 18.34 9.38 -5.85
CA MET D 107 17.95 10.61 -5.22
C MET D 107 17.92 10.41 -3.72
N GLU D 108 18.53 11.34 -2.98
CA GLU D 108 18.54 11.23 -1.53
C GLU D 108 18.17 12.55 -0.89
N ASN D 109 17.72 12.48 0.37
CA ASN D 109 17.35 13.68 1.11
C ASN D 109 18.43 13.97 2.13
N SER D 110 19.09 15.11 1.96
CA SER D 110 20.16 15.53 2.87
C SER D 110 19.79 15.36 4.35
N ALA D 111 18.51 15.60 4.66
CA ALA D 111 18.01 15.49 6.03
C ALA D 111 18.32 14.11 6.61
N GLU D 112 17.95 13.06 5.88
CA GLU D 112 18.21 11.70 6.32
C GLU D 112 18.86 10.89 5.19
N PRO D 113 20.17 11.10 4.95
CA PRO D 113 20.90 10.39 3.89
C PRO D 113 21.10 8.90 4.19
N GLU D 114 20.15 8.33 4.91
CA GLU D 114 20.21 6.91 5.29
C GLU D 114 18.87 6.21 5.03
N GLN D 115 17.78 6.96 5.20
CA GLN D 115 16.44 6.43 5.01
C GLN D 115 15.66 7.19 3.93
N SER D 116 16.33 7.49 2.82
CA SER D 116 15.72 8.19 1.70
C SER D 116 16.61 8.14 0.47
N LEU D 117 17.10 6.95 0.14
CA LEU D 117 17.94 6.78 -1.04
C LEU D 117 17.21 5.90 -2.05
N ALA D 118 16.69 6.51 -3.10
CA ALA D 118 15.98 5.78 -4.16
C ALA D 118 16.75 5.94 -5.47
N CYS D 119 16.74 4.91 -6.29
CA CYS D 119 17.43 4.97 -7.57
C CYS D 119 16.51 4.39 -8.62
N GLN D 120 16.72 4.79 -9.87
CA GLN D 120 15.88 4.30 -10.93
C GLN D 120 16.61 4.09 -12.22
N CYS D 121 16.04 3.22 -13.05
CA CYS D 121 16.59 2.93 -14.36
C CYS D 121 15.56 3.37 -15.40
N LEU D 122 15.88 4.45 -16.10
CA LEU D 122 15.03 5.00 -17.14
C LEU D 122 15.40 4.43 -18.52
N VAL D 123 14.51 4.57 -19.48
CA VAL D 123 14.76 4.07 -20.83
C VAL D 123 14.03 4.93 -21.84
N ARG D 124 14.55 5.00 -23.04
CA ARG D 124 13.92 5.81 -24.07
C ARG D 124 12.65 5.17 -24.60
N THR D 125 12.72 3.89 -24.95
CA THR D 125 11.54 3.23 -25.47
C THR D 125 10.83 2.36 -24.42
N PRO D 126 9.51 2.18 -24.54
CA PRO D 126 8.72 1.37 -23.59
C PRO D 126 8.93 -0.13 -23.75
N GLU D 127 10.19 -0.52 -23.82
CA GLU D 127 10.56 -1.92 -23.99
C GLU D 127 11.45 -2.30 -22.83
N VAL D 128 11.56 -3.59 -22.56
CA VAL D 128 12.43 -4.05 -21.48
C VAL D 128 13.87 -4.20 -21.99
N ASP D 129 14.78 -3.37 -21.47
CA ASP D 129 16.17 -3.41 -21.88
C ASP D 129 16.95 -4.23 -20.85
N ASP D 130 17.06 -5.54 -21.10
CA ASP D 130 17.79 -6.44 -20.21
C ASP D 130 19.20 -5.96 -19.92
N GLU D 131 19.90 -5.47 -20.96
CA GLU D 131 21.27 -4.99 -20.76
C GLU D 131 21.26 -3.80 -19.80
N ALA D 132 20.23 -2.95 -19.90
CA ALA D 132 20.13 -1.78 -19.05
C ALA D 132 19.91 -2.22 -17.60
N LEU D 133 18.93 -3.08 -17.39
CA LEU D 133 18.65 -3.58 -16.05
C LEU D 133 19.93 -4.14 -15.47
N GLU D 134 20.71 -4.83 -16.31
CA GLU D 134 22.00 -5.41 -15.90
C GLU D 134 22.89 -4.37 -15.22
N LYS D 135 23.14 -3.28 -15.95
CA LYS D 135 24.00 -2.22 -15.45
C LYS D 135 23.40 -1.63 -14.18
N PHE D 136 22.08 -1.73 -14.07
CA PHE D 136 21.37 -1.21 -12.90
C PHE D 136 21.64 -2.12 -11.70
N ASP D 137 21.44 -3.43 -11.88
CA ASP D 137 21.67 -4.40 -10.81
C ASP D 137 23.11 -4.33 -10.35
N LYS D 138 24.00 -4.14 -11.32
CA LYS D 138 25.43 -4.07 -11.06
C LYS D 138 25.76 -2.86 -10.21
N ALA D 139 25.19 -1.71 -10.55
CA ALA D 139 25.46 -0.51 -9.79
C ALA D 139 24.70 -0.48 -8.46
N LEU D 140 23.86 -1.49 -8.23
CA LEU D 140 23.08 -1.55 -7.00
C LEU D 140 23.64 -2.52 -5.97
N LYS D 141 24.43 -3.49 -6.42
CA LYS D 141 25.00 -4.50 -5.53
C LYS D 141 25.91 -3.90 -4.46
N ALA D 142 26.18 -2.61 -4.57
CA ALA D 142 27.04 -1.91 -3.60
C ALA D 142 26.21 -0.96 -2.71
N LEU D 143 24.91 -0.90 -2.95
CA LEU D 143 24.07 -0.04 -2.16
C LEU D 143 23.20 -0.89 -1.26
N PRO D 144 22.75 -0.30 -0.14
CA PRO D 144 21.89 -0.95 0.86
C PRO D 144 20.41 -0.91 0.46
N MET D 145 20.10 -1.45 -0.71
CA MET D 145 18.73 -1.47 -1.19
C MET D 145 18.00 -2.62 -0.52
N HIS D 146 16.78 -2.37 -0.04
CA HIS D 146 16.01 -3.41 0.60
C HIS D 146 14.65 -3.59 -0.05
N ILE D 147 14.56 -3.18 -1.31
CA ILE D 147 13.35 -3.30 -2.09
C ILE D 147 13.67 -2.85 -3.50
N ARG D 148 13.15 -3.58 -4.49
CA ARG D 148 13.38 -3.29 -5.91
C ARG D 148 12.11 -3.60 -6.69
N LEU D 149 11.81 -2.78 -7.69
CA LEU D 149 10.66 -3.01 -8.53
C LEU D 149 11.01 -2.87 -10.01
N SER D 150 10.48 -3.78 -10.84
CA SER D 150 10.70 -3.77 -12.27
C SER D 150 9.32 -3.79 -12.94
N PHE D 151 9.17 -3.03 -14.02
CA PHE D 151 7.89 -2.98 -14.72
C PHE D 151 7.86 -3.64 -16.11
N ASN D 152 6.65 -3.86 -16.63
CA ASN D 152 6.40 -4.48 -17.93
C ASN D 152 5.93 -3.45 -18.92
N PRO D 153 6.05 -3.73 -20.23
CA PRO D 153 5.61 -2.78 -21.24
C PRO D 153 4.18 -2.32 -20.98
N THR D 154 3.31 -3.26 -20.67
CA THR D 154 1.92 -2.92 -20.41
C THR D 154 1.75 -2.02 -19.19
N GLN D 155 2.53 -2.28 -18.15
CA GLN D 155 2.43 -1.45 -16.94
C GLN D 155 2.90 -0.03 -17.22
N LEU D 156 3.81 0.13 -18.18
CA LEU D 156 4.30 1.45 -18.51
C LEU D 156 3.28 2.28 -19.24
N GLU D 157 2.16 1.67 -19.63
CA GLU D 157 1.11 2.41 -20.33
C GLU D 157 0.23 3.11 -19.29
N GLU D 158 0.60 3.01 -18.02
CA GLU D 158 -0.17 3.63 -16.95
C GLU D 158 0.52 4.83 -16.35
N GLN D 159 -0.19 5.95 -16.32
CA GLN D 159 0.32 7.19 -15.75
C GLN D 159 1.00 6.91 -14.43
N CYS D 160 0.47 5.95 -13.68
CA CYS D 160 1.04 5.60 -12.38
C CYS D 160 1.49 4.14 -12.29
N HIS D 161 1.71 3.52 -13.45
CA HIS D 161 2.16 2.13 -13.50
C HIS D 161 1.25 1.17 -12.75
N ILE D 162 0.55 0.31 -13.50
CA ILE D 162 -0.39 -0.69 -12.96
C ILE D 162 -0.08 -1.16 -11.53
N ASP E 1 -18.15 15.38 -15.82
CA ASP E 1 -17.28 15.83 -16.94
C ASP E 1 -16.72 17.18 -16.57
N ILE E 2 -15.47 17.42 -16.93
CA ILE E 2 -14.87 18.70 -16.65
C ILE E 2 -15.21 19.59 -17.83
N VAL E 3 -15.68 20.79 -17.54
CA VAL E 3 -16.04 21.72 -18.59
C VAL E 3 -14.92 22.76 -18.72
N MET E 4 -14.41 22.92 -19.94
CA MET E 4 -13.36 23.89 -20.19
C MET E 4 -14.02 25.10 -20.82
N THR E 5 -13.77 26.26 -20.24
CA THR E 5 -14.35 27.50 -20.76
C THR E 5 -13.23 28.45 -21.18
N GLN E 6 -13.06 28.60 -22.49
CA GLN E 6 -12.03 29.46 -23.06
C GLN E 6 -12.51 30.89 -23.15
N SER E 7 -11.58 31.83 -23.19
CA SER E 7 -11.92 33.24 -23.28
C SER E 7 -10.71 34.00 -23.78
N PRO E 8 -10.91 34.89 -24.76
CA PRO E 8 -12.22 35.18 -25.38
C PRO E 8 -12.57 34.18 -26.48
N SER E 9 -13.78 34.24 -26.99
CA SER E 9 -14.17 33.32 -28.02
C SER E 9 -13.57 33.74 -29.36
N SER E 10 -13.32 35.04 -29.51
CA SER E 10 -12.73 35.57 -30.72
C SER E 10 -11.96 36.86 -30.39
N LEU E 11 -10.83 37.07 -31.05
CA LEU E 11 -10.00 38.23 -30.79
C LEU E 11 -9.33 38.77 -32.06
N SER E 12 -9.12 40.08 -32.11
CA SER E 12 -8.46 40.71 -33.25
C SER E 12 -7.29 41.55 -32.74
N ALA E 13 -6.07 41.20 -33.17
CA ALA E 13 -4.89 41.93 -32.72
C ALA E 13 -4.00 42.28 -33.88
N SER E 14 -3.19 43.32 -33.69
CA SER E 14 -2.27 43.75 -34.74
C SER E 14 -0.99 42.95 -34.71
N VAL E 15 -0.49 42.60 -35.89
CA VAL E 15 0.73 41.83 -35.96
C VAL E 15 1.78 42.54 -35.15
N GLY E 16 2.23 41.89 -34.09
CA GLY E 16 3.23 42.51 -33.25
C GLY E 16 2.88 42.56 -31.80
N ASP E 17 1.62 42.86 -31.45
CA ASP E 17 1.26 42.92 -30.04
C ASP E 17 1.17 41.52 -29.40
N ARG E 18 1.18 41.46 -28.07
CA ARG E 18 1.11 40.18 -27.39
C ARG E 18 -0.34 39.85 -27.04
N VAL E 19 -0.76 38.63 -27.37
CA VAL E 19 -2.13 38.21 -27.11
C VAL E 19 -2.15 37.15 -26.01
N THR E 20 -3.26 37.09 -25.29
CA THR E 20 -3.43 36.16 -24.19
C THR E 20 -4.82 35.55 -24.19
N ILE E 21 -4.89 34.22 -24.16
CA ILE E 21 -6.15 33.53 -24.15
C ILE E 21 -6.24 32.76 -22.86
N THR E 22 -7.40 32.82 -22.21
CA THR E 22 -7.61 32.15 -20.94
C THR E 22 -8.47 30.91 -21.14
N CYS E 23 -8.30 29.98 -20.22
CA CYS E 23 -9.03 28.73 -20.24
C CYS E 23 -9.25 28.32 -18.77
N ARG E 24 -10.50 28.08 -18.38
CA ARG E 24 -10.81 27.68 -17.01
C ARG E 24 -11.53 26.35 -16.97
N ALA E 25 -11.14 25.52 -16.01
CA ALA E 25 -11.74 24.20 -15.86
C ALA E 25 -12.87 24.21 -14.82
N SER E 26 -13.86 23.35 -15.03
CA SER E 26 -14.98 23.28 -14.12
C SER E 26 -14.51 22.72 -12.77
N GLN E 27 -13.27 22.24 -12.74
CA GLN E 27 -12.67 21.70 -11.51
C GLN E 27 -11.17 21.55 -11.70
N GLY E 28 -10.47 21.46 -10.57
CA GLY E 28 -9.03 21.33 -10.60
C GLY E 28 -8.58 20.17 -11.45
N ILE E 29 -7.66 20.45 -12.37
CA ILE E 29 -7.13 19.43 -13.25
C ILE E 29 -5.62 19.34 -13.17
N SER E 30 -5.06 19.81 -12.07
CA SER E 30 -3.63 19.78 -11.88
C SER E 30 -3.01 20.71 -12.92
N SER E 31 -2.01 20.19 -13.62
CA SER E 31 -1.33 20.95 -14.63
C SER E 31 -1.45 20.18 -15.93
N ARG E 32 -2.48 19.33 -16.00
CA ARG E 32 -2.71 18.53 -17.21
C ARG E 32 -3.57 19.28 -18.23
N LEU E 33 -2.98 20.29 -18.87
CA LEU E 33 -3.69 21.08 -19.86
C LEU E 33 -2.81 21.27 -21.07
N ALA E 34 -3.41 21.15 -22.26
CA ALA E 34 -2.67 21.33 -23.49
C ALA E 34 -3.37 22.35 -24.40
N TRP E 35 -2.56 23.00 -25.24
CA TRP E 35 -3.06 24.00 -26.17
C TRP E 35 -2.80 23.58 -27.62
N TYR E 36 -3.85 23.55 -28.43
CA TYR E 36 -3.72 23.15 -29.81
C TYR E 36 -3.99 24.31 -30.76
N GLN E 37 -3.38 24.27 -31.93
CA GLN E 37 -3.62 25.31 -32.93
C GLN E 37 -4.22 24.67 -34.18
N GLN E 38 -5.32 25.23 -34.66
CA GLN E 38 -5.95 24.68 -35.85
C GLN E 38 -6.32 25.72 -36.88
N LYS E 39 -5.85 25.49 -38.10
CA LYS E 39 -6.13 26.37 -39.21
C LYS E 39 -7.09 25.67 -40.17
N PRO E 40 -7.87 26.44 -40.93
CA PRO E 40 -8.83 25.90 -41.89
C PRO E 40 -8.28 24.76 -42.73
N GLY E 41 -8.99 23.63 -42.70
CA GLY E 41 -8.63 22.46 -43.46
C GLY E 41 -7.24 21.91 -43.16
N LYS E 42 -6.65 22.35 -42.05
CA LYS E 42 -5.33 21.86 -41.72
C LYS E 42 -5.36 21.03 -40.45
N ALA E 43 -4.33 20.21 -40.29
CA ALA E 43 -4.17 19.34 -39.13
C ALA E 43 -3.78 20.14 -37.90
N PRO E 44 -4.54 20.00 -36.80
CA PRO E 44 -4.26 20.74 -35.56
C PRO E 44 -2.83 20.52 -35.12
N LYS E 45 -2.24 21.51 -34.47
CA LYS E 45 -0.87 21.41 -33.99
C LYS E 45 -0.82 21.53 -32.47
N LEU E 46 -0.03 20.69 -31.83
CA LEU E 46 0.10 20.73 -30.39
C LEU E 46 1.14 21.78 -30.06
N LEU E 47 0.74 22.78 -29.30
CA LEU E 47 1.66 23.86 -28.93
C LEU E 47 2.24 23.69 -27.53
N ILE E 48 1.35 23.51 -26.56
CA ILE E 48 1.71 23.39 -25.16
C ILE E 48 1.03 22.20 -24.51
N TYR E 49 1.72 21.56 -23.58
CA TYR E 49 1.14 20.42 -22.85
C TYR E 49 1.66 20.56 -21.44
N ALA E 50 1.09 19.80 -20.51
CA ALA E 50 1.54 19.89 -19.14
C ALA E 50 1.47 21.36 -18.70
N ALA E 51 0.49 22.07 -19.23
CA ALA E 51 0.26 23.48 -18.92
C ALA E 51 1.33 24.45 -19.44
N SER E 52 2.61 24.10 -19.34
CA SER E 52 3.65 25.03 -19.80
C SER E 52 4.78 24.44 -20.66
N SER E 53 4.74 23.14 -20.94
CA SER E 53 5.78 22.56 -21.75
C SER E 53 5.52 22.86 -23.21
N LEU E 54 6.55 23.38 -23.86
CA LEU E 54 6.47 23.79 -25.25
C LEU E 54 6.87 22.68 -26.22
N GLN E 55 5.89 22.23 -27.00
CA GLN E 55 6.13 21.20 -27.99
C GLN E 55 7.34 21.56 -28.88
N SER E 56 8.14 20.57 -29.24
CA SER E 56 9.29 20.82 -30.09
C SER E 56 8.84 21.41 -31.40
N GLY E 57 9.66 22.29 -31.97
CA GLY E 57 9.32 22.88 -33.26
C GLY E 57 8.33 24.03 -33.24
N VAL E 58 8.02 24.52 -32.04
CA VAL E 58 7.10 25.64 -31.87
C VAL E 58 7.92 26.84 -31.39
N PRO E 59 7.75 27.99 -32.04
CA PRO E 59 8.47 29.22 -31.71
C PRO E 59 8.33 29.60 -30.24
N SER E 60 9.40 30.13 -29.67
CA SER E 60 9.42 30.49 -28.25
C SER E 60 8.45 31.60 -27.87
N ARG E 61 7.91 32.30 -28.86
CA ARG E 61 6.97 33.38 -28.56
C ARG E 61 5.67 32.86 -28.01
N PHE E 62 5.43 31.57 -28.17
CA PHE E 62 4.24 30.94 -27.62
C PHE E 62 4.64 30.48 -26.23
N SER E 63 3.79 30.74 -25.24
CA SER E 63 4.09 30.35 -23.87
C SER E 63 2.79 29.96 -23.16
N GLY E 64 2.90 29.19 -22.10
CA GLY E 64 1.70 28.80 -21.40
C GLY E 64 1.94 28.68 -19.91
N SER E 65 0.98 29.13 -19.12
CA SER E 65 1.11 29.05 -17.68
C SER E 65 -0.25 28.78 -17.10
N GLY E 66 -0.28 28.64 -15.79
CA GLY E 66 -1.51 28.38 -15.11
C GLY E 66 -1.35 27.18 -14.20
N SER E 67 -2.39 26.93 -13.40
CA SER E 67 -2.38 25.82 -12.45
C SER E 67 -3.74 25.72 -11.76
N GLY E 68 -4.12 24.50 -11.43
CA GLY E 68 -5.38 24.27 -10.75
C GLY E 68 -6.61 24.44 -11.64
N THR E 69 -7.07 25.68 -11.78
CA THR E 69 -8.27 25.95 -12.56
C THR E 69 -8.10 26.96 -13.69
N GLU E 70 -7.22 27.93 -13.52
CA GLU E 70 -7.05 28.90 -14.57
C GLU E 70 -5.71 28.73 -15.25
N PHE E 71 -5.74 28.67 -16.58
CA PHE E 71 -4.56 28.50 -17.42
C PHE E 71 -4.58 29.53 -18.51
N THR E 72 -3.44 29.84 -19.07
CA THR E 72 -3.41 30.86 -20.09
C THR E 72 -2.30 30.65 -21.15
N LEU E 73 -2.69 30.87 -22.41
CA LEU E 73 -1.81 30.74 -23.56
C LEU E 73 -1.44 32.16 -23.98
N THR E 74 -0.15 32.48 -24.03
CA THR E 74 0.31 33.80 -24.43
C THR E 74 1.11 33.75 -25.74
N ILE E 75 0.81 34.65 -26.65
CA ILE E 75 1.51 34.73 -27.94
C ILE E 75 2.20 36.07 -28.03
N SER E 76 3.52 36.09 -27.92
CA SER E 76 4.25 37.37 -27.95
C SER E 76 4.21 38.16 -29.25
N SER E 77 5.21 38.00 -30.10
CA SER E 77 5.25 38.74 -31.37
C SER E 77 4.27 38.18 -32.38
N LEU E 78 3.01 38.57 -32.22
CA LEU E 78 1.97 38.07 -33.12
C LEU E 78 2.38 38.21 -34.59
N GLN E 79 2.29 37.12 -35.34
CA GLN E 79 2.65 37.15 -36.75
C GLN E 79 1.40 37.05 -37.60
N PRO E 80 1.50 37.41 -38.89
CA PRO E 80 0.33 37.36 -39.79
C PRO E 80 -0.22 35.94 -39.99
N GLU E 81 0.61 34.94 -39.73
CA GLU E 81 0.22 33.54 -39.87
C GLU E 81 -0.18 32.86 -38.55
N ASP E 82 -0.21 33.66 -37.49
CA ASP E 82 -0.62 33.18 -36.17
C ASP E 82 -2.16 33.16 -36.10
N PHE E 83 -2.78 33.55 -37.20
CA PHE E 83 -4.23 33.56 -37.31
C PHE E 83 -4.75 32.14 -37.28
N ALA E 84 -5.70 31.85 -36.40
CA ALA E 84 -6.25 30.50 -36.30
C ALA E 84 -7.17 30.35 -35.10
N THR E 85 -7.67 29.14 -34.88
CA THR E 85 -8.51 28.91 -33.71
C THR E 85 -7.65 28.15 -32.74
N TYR E 86 -7.62 28.59 -31.49
CA TYR E 86 -6.82 27.93 -30.46
C TYR E 86 -7.76 27.20 -29.52
N TYR E 87 -7.40 25.98 -29.16
CA TYR E 87 -8.22 25.17 -28.28
C TYR E 87 -7.44 24.65 -27.10
N CYS E 88 -8.08 24.58 -25.94
CA CYS E 88 -7.39 24.03 -24.79
C CYS E 88 -8.07 22.72 -24.48
N GLN E 89 -7.29 21.73 -24.06
CA GLN E 89 -7.86 20.43 -23.75
C GLN E 89 -7.31 19.95 -22.41
N GLN E 90 -8.13 19.28 -21.61
CA GLN E 90 -7.64 18.78 -20.35
C GLN E 90 -7.62 17.29 -20.45
N TYR E 91 -6.70 16.67 -19.70
CA TYR E 91 -6.55 15.23 -19.67
C TYR E 91 -6.31 14.75 -18.26
N HIS E 92 -7.07 15.30 -17.32
CA HIS E 92 -6.95 14.92 -15.91
C HIS E 92 -7.86 13.72 -15.68
N SER E 93 -9.07 13.80 -16.22
CA SER E 93 -10.02 12.70 -16.11
C SER E 93 -10.77 12.50 -17.42
N TYR E 94 -11.41 11.35 -17.55
CA TYR E 94 -12.17 11.05 -18.75
C TYR E 94 -13.60 11.50 -18.46
N PRO E 95 -14.30 12.02 -19.48
CA PRO E 95 -13.81 12.18 -20.86
C PRO E 95 -12.89 13.38 -20.99
N TRP E 96 -11.92 13.30 -21.86
CA TRP E 96 -11.04 14.43 -22.07
C TRP E 96 -11.89 15.48 -22.75
N THR E 97 -11.77 16.72 -22.30
CA THR E 97 -12.57 17.80 -22.85
C THR E 97 -11.86 18.95 -23.47
N PHE E 98 -12.43 19.51 -24.54
CA PHE E 98 -11.83 20.67 -25.19
C PHE E 98 -12.56 21.95 -24.82
N GLY E 99 -11.91 23.08 -25.09
CA GLY E 99 -12.53 24.34 -24.82
C GLY E 99 -13.31 24.71 -26.07
N GLN E 100 -14.26 25.63 -25.94
CA GLN E 100 -15.07 26.03 -27.08
C GLN E 100 -14.18 26.63 -28.17
N GLY E 101 -12.94 26.98 -27.81
CA GLY E 101 -12.03 27.56 -28.77
C GLY E 101 -12.02 29.09 -28.85
N THR E 102 -10.89 29.64 -29.28
CA THR E 102 -10.71 31.09 -29.42
C THR E 102 -10.29 31.37 -30.86
N LYS E 103 -11.06 32.14 -31.60
CA LYS E 103 -10.70 32.45 -32.98
C LYS E 103 -9.93 33.76 -33.06
N LEU E 104 -8.68 33.67 -33.51
CA LEU E 104 -7.82 34.85 -33.60
C LEU E 104 -7.51 35.33 -35.01
N GLU E 105 -8.04 36.49 -35.36
CA GLU E 105 -7.80 37.07 -36.69
C GLU E 105 -6.81 38.22 -36.57
N ILE E 106 -6.09 38.47 -37.64
CA ILE E 106 -5.08 39.53 -37.65
C ILE E 106 -5.60 40.89 -38.11
N LYS E 107 -5.34 41.92 -37.29
CA LYS E 107 -5.77 43.29 -37.58
C LYS E 107 -4.99 43.86 -38.80
N ARG E 108 -5.56 44.86 -39.50
CA ARG E 108 -4.94 45.45 -40.71
C ARG E 108 -5.52 46.86 -41.05
N THR E 109 -4.89 47.58 -41.97
CA THR E 109 -5.36 48.92 -42.37
C THR E 109 -6.58 48.79 -43.27
N VAL E 110 -7.61 49.56 -42.97
CA VAL E 110 -8.85 49.50 -43.75
C VAL E 110 -8.60 49.43 -45.26
N ALA E 111 -9.36 48.56 -45.93
CA ALA E 111 -9.23 48.39 -47.37
C ALA E 111 -10.58 48.22 -48.04
N ALA E 112 -10.90 49.13 -48.95
CA ALA E 112 -12.15 49.09 -49.68
C ALA E 112 -12.17 47.86 -50.57
N PRO E 113 -13.38 47.28 -50.75
CA PRO E 113 -13.58 46.09 -51.59
C PRO E 113 -13.79 46.44 -53.05
N SER E 114 -13.46 45.51 -53.95
CA SER E 114 -13.66 45.73 -55.38
C SER E 114 -14.90 44.92 -55.78
N VAL E 115 -16.03 45.59 -55.94
CA VAL E 115 -17.28 44.91 -56.28
C VAL E 115 -17.48 44.51 -57.74
N PHE E 116 -18.01 43.32 -57.94
CA PHE E 116 -18.30 42.80 -59.27
C PHE E 116 -19.69 42.18 -59.27
N ILE E 117 -20.32 42.10 -60.44
CA ILE E 117 -21.65 41.52 -60.52
C ILE E 117 -21.76 40.60 -61.73
N PHE E 118 -22.26 39.38 -61.48
CA PHE E 118 -22.40 38.37 -62.52
C PHE E 118 -23.83 37.98 -62.82
N PRO E 119 -24.25 38.12 -64.08
CA PRO E 119 -25.62 37.77 -64.46
C PRO E 119 -25.82 36.25 -64.46
N PRO E 120 -27.08 35.81 -64.29
CA PRO E 120 -27.34 34.37 -64.29
C PRO E 120 -26.91 33.79 -65.65
N SER E 121 -26.23 32.66 -65.64
CA SER E 121 -25.79 32.01 -66.87
C SER E 121 -27.00 31.35 -67.54
N ASP E 122 -27.17 31.61 -68.84
CA ASP E 122 -28.29 31.04 -69.61
C ASP E 122 -28.48 29.53 -69.43
N GLU E 123 -27.39 28.82 -69.21
CA GLU E 123 -27.45 27.38 -69.00
C GLU E 123 -28.29 27.14 -67.74
N GLN E 124 -28.07 27.96 -66.70
CA GLN E 124 -28.83 27.83 -65.45
C GLN E 124 -30.30 28.21 -65.65
N LEU E 125 -30.54 29.36 -66.27
CA LEU E 125 -31.91 29.80 -66.51
C LEU E 125 -32.69 28.72 -67.26
N LYS E 126 -32.00 27.94 -68.08
CA LYS E 126 -32.66 26.90 -68.84
C LYS E 126 -33.00 25.72 -67.95
N SER E 127 -33.11 25.95 -66.65
CA SER E 127 -33.45 24.89 -65.71
C SER E 127 -34.73 25.24 -64.95
N GLY E 128 -34.84 26.48 -64.49
CA GLY E 128 -36.02 26.88 -63.77
C GLY E 128 -35.74 27.99 -62.76
N THR E 129 -34.49 28.10 -62.35
CA THR E 129 -34.06 29.10 -61.39
C THR E 129 -32.90 29.94 -61.91
N ALA E 130 -32.61 31.03 -61.19
CA ALA E 130 -31.54 31.93 -61.57
C ALA E 130 -30.79 32.42 -60.34
N SER E 131 -29.46 32.41 -60.44
CA SER E 131 -28.62 32.87 -59.34
C SER E 131 -27.80 34.10 -59.74
N VAL E 132 -28.09 35.22 -59.09
CA VAL E 132 -27.36 36.46 -59.36
C VAL E 132 -26.22 36.52 -58.35
N VAL E 133 -25.01 36.71 -58.86
CA VAL E 133 -23.85 36.75 -57.99
C VAL E 133 -23.14 38.10 -57.95
N CYS E 134 -22.81 38.53 -56.73
CA CYS E 134 -22.11 39.78 -56.50
C CYS E 134 -20.85 39.49 -55.67
N LEU E 135 -19.71 40.01 -56.12
CA LEU E 135 -18.46 39.77 -55.43
C LEU E 135 -17.74 40.97 -54.81
N LEU E 136 -17.36 40.80 -53.54
CA LEU E 136 -16.60 41.82 -52.79
C LEU E 136 -15.19 41.27 -52.64
N ASN E 137 -14.26 41.77 -53.46
CA ASN E 137 -12.88 41.28 -53.45
C ASN E 137 -11.87 42.07 -52.63
N ASN E 138 -11.06 41.34 -51.88
CA ASN E 138 -9.98 41.90 -51.04
C ASN E 138 -10.36 43.13 -50.25
N PHE E 139 -10.80 42.96 -49.01
CA PHE E 139 -11.16 44.12 -48.20
C PHE E 139 -10.99 43.88 -46.71
N TYR E 140 -11.10 44.94 -45.92
CA TYR E 140 -10.95 44.84 -44.47
C TYR E 140 -11.53 46.09 -43.82
N PRO E 141 -12.23 45.95 -42.69
CA PRO E 141 -12.55 44.73 -41.94
C PRO E 141 -13.45 43.77 -42.68
N ARG E 142 -13.79 42.67 -41.99
CA ARG E 142 -14.65 41.66 -42.56
C ARG E 142 -16.07 42.18 -42.65
N GLU E 143 -16.41 43.13 -41.79
CA GLU E 143 -17.76 43.70 -41.77
C GLU E 143 -18.12 44.48 -43.04
N ALA E 144 -19.17 44.02 -43.72
CA ALA E 144 -19.63 44.63 -44.94
C ALA E 144 -21.12 44.42 -45.06
N LYS E 145 -21.81 45.36 -45.69
CA LYS E 145 -23.26 45.24 -45.85
C LYS E 145 -23.64 45.26 -47.31
N VAL E 146 -24.28 44.17 -47.77
CA VAL E 146 -24.71 44.04 -49.16
C VAL E 146 -26.23 44.04 -49.28
N GLN E 147 -26.72 44.72 -50.31
CA GLN E 147 -28.15 44.80 -50.57
C GLN E 147 -28.49 44.50 -52.02
N TRP E 148 -29.65 43.87 -52.22
CA TRP E 148 -30.11 43.53 -53.57
C TRP E 148 -31.39 44.29 -53.92
N LYS E 149 -31.31 45.15 -54.92
CA LYS E 149 -32.46 45.91 -55.35
C LYS E 149 -32.81 45.55 -56.79
N VAL E 150 -34.01 45.01 -56.97
CA VAL E 150 -34.49 44.64 -58.29
C VAL E 150 -35.49 45.71 -58.72
N ASP E 151 -35.17 46.40 -59.82
CA ASP E 151 -36.01 47.48 -60.32
C ASP E 151 -36.19 48.50 -59.20
N ASN E 152 -35.11 48.75 -58.47
CA ASN E 152 -35.12 49.70 -57.37
C ASN E 152 -36.00 49.26 -56.23
N ALA E 153 -36.09 47.95 -56.05
CA ALA E 153 -36.90 47.36 -54.99
C ALA E 153 -36.03 46.48 -54.11
N LEU E 154 -36.02 46.77 -52.81
CA LEU E 154 -35.23 45.99 -51.87
C LEU E 154 -35.54 44.50 -51.97
N GLN E 155 -34.80 43.69 -51.22
CA GLN E 155 -34.97 42.25 -51.21
C GLN E 155 -34.76 41.70 -49.79
N SER E 156 -35.30 40.52 -49.51
CA SER E 156 -35.14 39.89 -48.20
C SER E 156 -35.29 38.37 -48.27
N GLY E 157 -34.35 37.67 -47.64
CA GLY E 157 -34.38 36.21 -47.62
C GLY E 157 -34.26 35.60 -49.00
N ASN E 158 -33.83 36.39 -49.98
CA ASN E 158 -33.70 35.89 -51.34
C ASN E 158 -32.23 35.79 -51.72
N SER E 159 -31.37 36.14 -50.76
CA SER E 159 -29.93 36.09 -50.98
C SER E 159 -29.21 35.58 -49.76
N GLN E 160 -28.05 34.99 -50.00
CA GLN E 160 -27.22 34.42 -48.94
C GLN E 160 -25.77 34.82 -49.17
N GLU E 161 -25.06 35.13 -48.10
CA GLU E 161 -23.67 35.52 -48.21
C GLU E 161 -22.72 34.43 -47.75
N SER E 162 -21.48 34.50 -48.20
CA SER E 162 -20.44 33.55 -47.82
C SER E 162 -19.09 34.29 -47.83
N VAL E 163 -18.36 34.26 -46.71
CA VAL E 163 -17.08 34.95 -46.60
C VAL E 163 -15.83 34.04 -46.61
N THR E 164 -14.78 34.45 -47.32
CA THR E 164 -13.58 33.61 -47.31
C THR E 164 -12.84 33.83 -46.01
N GLU E 165 -11.79 33.06 -45.81
CA GLU E 165 -11.01 33.19 -44.61
C GLU E 165 -10.06 34.34 -44.87
N GLN E 166 -9.51 34.91 -43.79
CA GLN E 166 -8.56 36.03 -43.90
C GLN E 166 -7.28 35.59 -44.62
N ASP E 167 -7.04 36.18 -45.79
CA ASP E 167 -5.85 35.82 -46.56
C ASP E 167 -4.57 35.78 -45.73
N SER E 168 -3.82 34.68 -45.82
CA SER E 168 -2.58 34.51 -45.05
C SER E 168 -1.49 35.52 -45.39
N LYS E 169 -1.74 36.33 -46.42
CA LYS E 169 -0.77 37.32 -46.86
C LYS E 169 -1.29 38.75 -46.71
N ASP E 170 -2.21 39.15 -47.58
CA ASP E 170 -2.76 40.50 -47.52
C ASP E 170 -3.68 40.75 -46.32
N SER E 171 -4.01 39.67 -45.59
CA SER E 171 -4.88 39.76 -44.42
C SER E 171 -6.25 40.37 -44.73
N THR E 172 -6.69 40.22 -45.97
CA THR E 172 -7.96 40.78 -46.40
C THR E 172 -9.01 39.69 -46.51
N TYR E 173 -10.25 40.11 -46.73
CA TYR E 173 -11.38 39.20 -46.87
C TYR E 173 -12.05 39.36 -48.22
N SER E 174 -12.85 38.36 -48.59
CA SER E 174 -13.61 38.37 -49.84
C SER E 174 -14.96 37.77 -49.51
N LEU E 175 -15.99 38.45 -49.99
CA LEU E 175 -17.35 38.02 -49.71
C LEU E 175 -18.16 37.80 -50.97
N SER E 176 -19.11 36.87 -50.89
CA SER E 176 -19.96 36.60 -52.03
C SER E 176 -21.40 36.58 -51.55
N SER E 177 -22.27 37.17 -52.38
CA SER E 177 -23.69 37.21 -52.09
C SER E 177 -24.44 36.67 -53.30
N THR E 178 -25.32 35.72 -53.04
CA THR E 178 -26.09 35.10 -54.11
C THR E 178 -27.59 35.31 -53.92
N LEU E 179 -28.21 35.95 -54.92
CA LEU E 179 -29.64 36.21 -54.92
C LEU E 179 -30.29 35.12 -55.75
N THR E 180 -31.27 34.44 -55.15
CA THR E 180 -31.98 33.35 -55.82
C THR E 180 -33.37 33.76 -56.27
N LEU E 181 -33.71 33.47 -57.51
CA LEU E 181 -35.03 33.81 -58.06
C LEU E 181 -35.45 32.82 -59.14
N SER E 182 -36.74 32.54 -59.23
CA SER E 182 -37.24 31.61 -60.23
C SER E 182 -37.02 32.22 -61.60
N LYS E 183 -36.71 31.38 -62.58
CA LYS E 183 -36.45 31.82 -63.93
C LYS E 183 -37.56 32.76 -64.43
N ALA E 184 -38.77 32.57 -63.92
CA ALA E 184 -39.89 33.41 -64.33
C ALA E 184 -39.78 34.80 -63.73
N ASP E 185 -39.57 34.82 -62.42
CA ASP E 185 -39.44 36.08 -61.70
C ASP E 185 -38.26 36.89 -62.25
N TYR E 186 -37.21 36.18 -62.67
CA TYR E 186 -36.05 36.85 -63.22
C TYR E 186 -36.50 37.60 -64.47
N GLU E 187 -37.46 37.02 -65.19
CA GLU E 187 -37.99 37.64 -66.40
C GLU E 187 -38.92 38.82 -66.10
N LYS E 188 -39.62 38.76 -64.98
CA LYS E 188 -40.55 39.82 -64.58
C LYS E 188 -39.88 41.18 -64.43
N HIS E 189 -38.56 41.21 -64.34
CA HIS E 189 -37.82 42.46 -64.19
C HIS E 189 -36.59 42.52 -65.10
N LYS E 190 -35.76 43.54 -64.92
CA LYS E 190 -34.56 43.68 -65.73
C LYS E 190 -33.46 44.50 -65.04
N VAL E 191 -33.84 45.29 -64.03
CA VAL E 191 -32.88 46.11 -63.28
C VAL E 191 -32.44 45.45 -61.99
N TYR E 192 -31.24 44.87 -62.03
CA TYR E 192 -30.66 44.17 -60.89
C TYR E 192 -29.44 44.93 -60.37
N ALA E 193 -29.53 45.37 -59.13
CA ALA E 193 -28.43 46.12 -58.56
C ALA E 193 -27.89 45.50 -57.27
N CYS E 194 -26.59 45.68 -57.09
CA CYS E 194 -25.87 45.19 -55.93
C CYS E 194 -25.24 46.41 -55.25
N GLU E 195 -25.87 46.94 -54.21
CA GLU E 195 -25.33 48.10 -53.51
C GLU E 195 -24.54 47.66 -52.29
N VAL E 196 -23.25 47.97 -52.29
CA VAL E 196 -22.35 47.58 -51.21
C VAL E 196 -21.77 48.74 -50.40
N THR E 197 -21.79 48.60 -49.08
CA THR E 197 -21.28 49.65 -48.19
C THR E 197 -20.20 49.08 -47.28
N HIS E 198 -19.06 49.74 -47.22
CA HIS E 198 -17.95 49.28 -46.39
C HIS E 198 -17.23 50.46 -45.76
N GLN E 199 -16.59 50.22 -44.62
CA GLN E 199 -15.85 51.27 -43.94
C GLN E 199 -14.81 51.94 -44.83
N GLY E 200 -14.40 51.27 -45.91
CA GLY E 200 -13.40 51.83 -46.81
C GLY E 200 -14.00 52.61 -47.96
N LEU E 201 -15.32 52.75 -47.94
CA LEU E 201 -16.05 53.47 -48.97
C LEU E 201 -16.80 54.65 -48.34
N SER E 202 -16.51 55.85 -48.85
CA SER E 202 -17.16 57.07 -48.35
C SER E 202 -18.63 57.07 -48.72
N SER E 203 -18.96 56.30 -49.75
CA SER E 203 -20.34 56.18 -50.22
C SER E 203 -20.61 54.82 -50.85
N PRO E 204 -21.85 54.32 -50.71
CA PRO E 204 -22.25 53.02 -51.27
C PRO E 204 -21.91 52.86 -52.74
N VAL E 205 -21.30 51.73 -53.07
CA VAL E 205 -20.93 51.40 -54.44
C VAL E 205 -22.02 50.47 -54.97
N THR E 206 -22.56 50.77 -56.14
CA THR E 206 -23.61 49.93 -56.73
C THR E 206 -23.25 49.50 -58.13
N LYS E 207 -23.14 48.18 -58.34
CA LYS E 207 -22.83 47.67 -59.67
C LYS E 207 -24.10 46.99 -60.12
N SER E 208 -24.49 47.21 -61.38
CA SER E 208 -25.73 46.63 -61.89
C SER E 208 -25.63 46.14 -63.32
N PHE E 209 -26.76 45.66 -63.83
CA PHE E 209 -26.83 45.15 -65.19
C PHE E 209 -28.30 44.99 -65.58
N ASN E 210 -28.55 44.73 -66.86
CA ASN E 210 -29.91 44.54 -67.34
C ASN E 210 -30.01 43.31 -68.21
N ARG E 211 -31.14 42.61 -68.11
CA ARG E 211 -31.37 41.43 -68.92
C ARG E 211 -31.15 41.72 -70.41
N GLN F 1 8.85 11.63 -43.31
CA GLN F 1 8.19 10.28 -43.48
C GLN F 1 7.06 10.14 -42.46
N VAL F 2 7.21 10.85 -41.35
CA VAL F 2 6.22 10.83 -40.28
C VAL F 2 4.91 11.49 -40.67
N SER F 3 3.83 10.71 -40.67
CA SER F 3 2.54 11.25 -41.04
C SER F 3 1.40 10.33 -40.64
N LEU F 4 0.19 10.87 -40.66
CA LEU F 4 -1.01 10.09 -40.31
C LEU F 4 -2.05 10.34 -41.41
N ARG F 5 -2.46 9.28 -42.08
CA ARG F 5 -3.45 9.40 -43.14
C ARG F 5 -4.67 8.56 -42.87
N GLU F 6 -5.79 9.24 -42.61
CA GLU F 6 -7.03 8.54 -42.33
C GLU F 6 -7.87 8.35 -43.58
N SER F 7 -8.76 7.36 -43.55
CA SER F 7 -9.63 7.08 -44.67
C SER F 7 -10.79 6.24 -44.22
N GLY F 8 -11.77 6.10 -45.10
CA GLY F 8 -12.96 5.33 -44.79
C GLY F 8 -14.20 6.20 -44.70
N GLY F 9 -14.00 7.51 -44.57
CA GLY F 9 -15.12 8.42 -44.46
C GLY F 9 -15.95 8.58 -45.73
N GLY F 10 -17.23 8.84 -45.54
CA GLY F 10 -18.12 9.04 -46.66
C GLY F 10 -19.55 9.28 -46.17
N LEU F 11 -20.50 9.05 -47.05
CA LEU F 11 -21.90 9.23 -46.74
C LEU F 11 -22.43 7.91 -46.18
N VAL F 12 -23.00 7.98 -44.99
CA VAL F 12 -23.50 6.77 -44.37
C VAL F 12 -24.93 7.06 -43.89
N GLN F 13 -25.77 6.05 -43.94
CA GLN F 13 -27.15 6.19 -43.55
C GLN F 13 -27.39 5.99 -42.08
N PRO F 14 -28.39 6.69 -41.53
CA PRO F 14 -28.70 6.57 -40.10
C PRO F 14 -28.94 5.10 -39.73
N GLY F 15 -28.18 4.60 -38.77
CA GLY F 15 -28.38 3.23 -38.36
C GLY F 15 -27.37 2.28 -38.98
N ARG F 16 -26.77 2.67 -40.09
CA ARG F 16 -25.79 1.77 -40.70
C ARG F 16 -24.50 1.87 -39.90
N SER F 17 -23.48 1.14 -40.34
CA SER F 17 -22.19 1.18 -39.65
C SER F 17 -21.08 1.30 -40.68
N LEU F 18 -20.06 2.08 -40.33
CA LEU F 18 -18.90 2.35 -41.18
C LEU F 18 -17.58 2.08 -40.43
N ARG F 19 -16.53 1.74 -41.16
CA ARG F 19 -15.23 1.51 -40.52
C ARG F 19 -14.16 2.47 -41.02
N LEU F 20 -13.67 3.30 -40.11
CA LEU F 20 -12.63 4.27 -40.44
C LEU F 20 -11.29 3.66 -40.11
N SER F 21 -10.29 3.99 -40.92
CA SER F 21 -8.96 3.50 -40.63
C SER F 21 -7.92 4.63 -40.76
N CYS F 22 -6.87 4.56 -39.94
CA CYS F 22 -5.80 5.54 -39.96
C CYS F 22 -4.44 4.86 -40.23
N THR F 23 -3.75 5.28 -41.30
CA THR F 23 -2.45 4.71 -41.63
C THR F 23 -1.29 5.53 -41.08
N ALA F 24 -0.39 4.88 -40.35
CA ALA F 24 0.73 5.56 -39.76
C ALA F 24 2.06 5.27 -40.45
N SER F 25 2.98 6.21 -40.31
CA SER F 25 4.30 6.06 -40.89
C SER F 25 5.24 7.09 -40.30
N GLY F 26 6.53 6.75 -40.28
CA GLY F 26 7.55 7.64 -39.78
C GLY F 26 7.92 7.48 -38.32
N PHE F 27 7.26 6.57 -37.63
CA PHE F 27 7.53 6.34 -36.22
C PHE F 27 7.13 4.92 -35.87
N THR F 28 7.47 4.47 -34.67
CA THR F 28 7.15 3.11 -34.24
C THR F 28 5.75 3.08 -33.64
N PHE F 29 4.79 2.71 -34.48
CA PHE F 29 3.38 2.66 -34.11
C PHE F 29 3.05 2.08 -32.74
N ARG F 30 3.53 0.87 -32.47
CA ARG F 30 3.25 0.21 -31.18
C ARG F 30 3.81 0.94 -29.94
N HIS F 31 4.63 1.96 -30.15
CA HIS F 31 5.24 2.67 -29.04
C HIS F 31 4.44 3.91 -28.65
N HIS F 32 3.27 4.09 -29.25
CA HIS F 32 2.49 5.28 -28.96
C HIS F 32 1.00 5.00 -28.86
N GLY F 33 0.32 5.69 -27.96
CA GLY F 33 -1.11 5.50 -27.83
C GLY F 33 -1.78 6.28 -28.95
N MET F 34 -2.91 5.81 -29.45
CA MET F 34 -3.60 6.52 -30.51
C MET F 34 -4.99 6.98 -30.04
N THR F 35 -5.51 8.01 -30.69
CA THR F 35 -6.81 8.50 -30.30
C THR F 35 -7.61 9.07 -31.47
N TRP F 36 -8.92 9.07 -31.36
CA TRP F 36 -9.76 9.64 -32.39
C TRP F 36 -10.39 10.89 -31.84
N VAL F 37 -10.33 11.95 -32.63
CA VAL F 37 -10.92 13.21 -32.25
C VAL F 37 -11.81 13.63 -33.42
N ARG F 38 -13.00 14.12 -33.13
CA ARG F 38 -13.88 14.53 -34.21
C ARG F 38 -14.30 15.98 -34.11
N GLN F 39 -14.75 16.54 -35.23
CA GLN F 39 -15.19 17.92 -35.27
C GLN F 39 -16.46 18.02 -36.11
N ALA F 40 -17.57 18.32 -35.45
CA ALA F 40 -18.84 18.47 -36.12
C ALA F 40 -18.79 19.74 -36.95
N PRO F 41 -19.53 19.76 -38.06
CA PRO F 41 -19.54 20.95 -38.91
C PRO F 41 -19.65 22.26 -38.11
N GLY F 42 -18.71 23.16 -38.37
CA GLY F 42 -18.68 24.44 -37.70
C GLY F 42 -18.85 24.33 -36.19
N LYS F 43 -18.08 23.45 -35.57
CA LYS F 43 -18.12 23.25 -34.12
C LYS F 43 -16.69 23.00 -33.68
N GLY F 44 -16.45 22.92 -32.37
CA GLY F 44 -15.10 22.71 -31.88
C GLY F 44 -14.66 21.26 -31.80
N LEU F 45 -13.46 21.04 -31.30
CA LEU F 45 -12.93 19.69 -31.19
C LEU F 45 -13.65 18.85 -30.14
N GLU F 46 -13.76 17.56 -30.41
CA GLU F 46 -14.40 16.65 -29.46
C GLU F 46 -13.72 15.30 -29.45
N TRP F 47 -13.13 14.96 -28.31
CA TRP F 47 -12.44 13.69 -28.16
C TRP F 47 -13.44 12.55 -28.34
N VAL F 48 -13.01 11.45 -28.95
CA VAL F 48 -13.93 10.34 -29.16
C VAL F 48 -13.51 9.08 -28.39
N ALA F 49 -12.34 8.56 -28.72
CA ALA F 49 -11.85 7.35 -28.05
C ALA F 49 -10.33 7.27 -28.13
N SER F 50 -9.74 6.58 -27.17
CA SER F 50 -8.30 6.42 -27.14
C SER F 50 -7.93 4.98 -26.92
N LEU F 51 -6.69 4.67 -27.27
CA LEU F 51 -6.18 3.31 -27.21
C LEU F 51 -4.67 3.33 -26.94
N SER F 52 -4.21 2.39 -26.12
CA SER F 52 -2.77 2.33 -25.82
C SER F 52 -1.99 1.68 -26.98
N GLY F 53 -0.66 1.74 -26.88
CA GLY F 53 0.19 1.14 -27.88
C GLY F 53 -0.09 -0.34 -28.09
N SER F 54 -0.39 -1.04 -27.01
CA SER F 54 -0.68 -2.46 -27.10
C SER F 54 -2.14 -2.64 -27.54
N GLY F 55 -2.97 -1.66 -27.18
CA GLY F 55 -4.37 -1.73 -27.53
C GLY F 55 -5.21 -2.43 -26.49
N THR F 56 -4.59 -2.82 -25.38
CA THR F 56 -5.30 -3.52 -24.31
C THR F 56 -6.09 -2.57 -23.42
N LYS F 57 -5.84 -1.27 -23.57
CA LYS F 57 -6.53 -0.26 -22.78
C LYS F 57 -7.16 0.75 -23.72
N THR F 58 -8.48 0.79 -23.76
CA THR F 58 -9.18 1.73 -24.62
C THR F 58 -10.11 2.55 -23.75
N HIS F 59 -10.60 3.65 -24.29
CA HIS F 59 -11.49 4.54 -23.56
C HIS F 59 -12.38 5.21 -24.58
N PHE F 60 -13.63 5.44 -24.23
CA PHE F 60 -14.58 6.07 -25.14
C PHE F 60 -15.31 7.18 -24.44
N ALA F 61 -16.03 7.94 -25.24
CA ALA F 61 -16.85 9.04 -24.74
C ALA F 61 -18.26 8.48 -24.60
N ASP F 62 -18.99 8.89 -23.56
CA ASP F 62 -20.35 8.41 -23.35
C ASP F 62 -21.25 8.57 -24.58
N SER F 63 -21.12 9.68 -25.27
CA SER F 63 -21.94 9.92 -26.46
C SER F 63 -21.69 8.94 -27.59
N VAL F 64 -20.79 7.98 -27.37
CA VAL F 64 -20.46 7.05 -28.43
C VAL F 64 -20.21 5.63 -27.92
N LYS F 65 -20.05 5.50 -26.61
CA LYS F 65 -19.82 4.19 -26.00
C LYS F 65 -20.96 3.25 -26.33
N GLY F 66 -20.61 2.01 -26.63
CA GLY F 66 -21.61 1.04 -26.98
C GLY F 66 -21.84 1.07 -28.48
N ARG F 67 -21.53 2.19 -29.12
CA ARG F 67 -21.73 2.24 -30.56
C ARG F 67 -20.41 2.19 -31.30
N PHE F 68 -19.40 2.87 -30.75
CA PHE F 68 -18.10 2.88 -31.42
C PHE F 68 -17.09 1.98 -30.77
N THR F 69 -16.25 1.39 -31.59
CA THR F 69 -15.20 0.54 -31.05
C THR F 69 -13.87 0.83 -31.72
N ILE F 70 -12.92 1.24 -30.90
CA ILE F 70 -11.59 1.57 -31.36
C ILE F 70 -10.74 0.30 -31.35
N SER F 71 -9.81 0.22 -32.31
CA SER F 71 -8.89 -0.92 -32.45
C SER F 71 -7.64 -0.51 -33.20
N ARG F 72 -6.62 -1.36 -33.14
CA ARG F 72 -5.32 -1.07 -33.78
C ARG F 72 -4.66 -2.38 -34.25
N ASP F 73 -3.91 -2.33 -35.34
CA ASP F 73 -3.24 -3.51 -35.87
C ASP F 73 -1.74 -3.22 -35.97
N ASN F 74 -1.00 -3.62 -34.95
CA ASN F 74 0.44 -3.39 -34.93
C ASN F 74 1.13 -4.39 -35.83
N SER F 75 1.05 -4.15 -37.14
CA SER F 75 1.67 -5.01 -38.13
C SER F 75 1.63 -4.21 -39.40
N ASN F 76 0.48 -3.59 -39.62
CA ASN F 76 0.26 -2.77 -40.79
C ASN F 76 0.22 -1.31 -40.41
N ASN F 77 0.56 -1.01 -39.15
CA ASN F 77 0.55 0.37 -38.66
C ASN F 77 -0.78 1.03 -38.96
N THR F 78 -1.86 0.38 -38.56
CA THR F 78 -3.15 0.96 -38.83
C THR F 78 -3.98 1.13 -37.58
N LEU F 79 -4.72 2.23 -37.51
CA LEU F 79 -5.58 2.54 -36.39
C LEU F 79 -6.98 2.48 -36.95
N TYR F 80 -7.87 1.79 -36.26
CA TYR F 80 -9.25 1.66 -36.71
C TYR F 80 -10.28 2.32 -35.78
N LEU F 81 -11.49 2.48 -36.30
CA LEU F 81 -12.63 3.04 -35.57
C LEU F 81 -13.90 2.50 -36.24
N GLN F 82 -14.60 1.65 -35.50
CA GLN F 82 -15.84 1.02 -35.93
C GLN F 82 -17.00 1.85 -35.43
N MET F 83 -17.77 2.40 -36.36
CA MET F 83 -18.91 3.22 -35.98
C MET F 83 -20.18 2.45 -36.34
N ASP F 84 -20.87 1.97 -35.30
CA ASP F 84 -22.12 1.23 -35.47
C ASP F 84 -23.29 2.07 -35.01
N ASN F 85 -24.44 1.87 -35.68
CA ASN F 85 -25.69 2.57 -35.37
C ASN F 85 -25.47 4.09 -35.33
N VAL F 86 -24.97 4.61 -36.43
CA VAL F 86 -24.65 6.02 -36.54
C VAL F 86 -25.81 6.98 -36.53
N ARG F 87 -25.73 7.94 -35.62
CA ARG F 87 -26.76 8.96 -35.48
C ARG F 87 -26.32 10.15 -36.33
N ASP F 88 -27.23 11.09 -36.50
CA ASP F 88 -26.99 12.30 -37.27
C ASP F 88 -25.88 13.11 -36.57
N GLU F 89 -25.89 13.10 -35.24
CA GLU F 89 -24.91 13.79 -34.41
C GLU F 89 -23.48 13.30 -34.64
N ASP F 90 -23.32 12.24 -35.43
CA ASP F 90 -22.00 11.73 -35.68
C ASP F 90 -21.35 12.37 -36.90
N THR F 91 -22.11 13.19 -37.63
CA THR F 91 -21.55 13.87 -38.79
C THR F 91 -20.40 14.76 -38.28
N ALA F 92 -19.20 14.56 -38.83
CA ALA F 92 -18.01 15.31 -38.42
C ALA F 92 -16.77 14.93 -39.19
N ILE F 93 -15.69 15.67 -38.96
CA ILE F 93 -14.42 15.35 -39.58
C ILE F 93 -13.68 14.57 -38.52
N TYR F 94 -13.53 13.27 -38.73
CA TYR F 94 -12.84 12.46 -37.76
C TYR F 94 -11.35 12.52 -37.98
N TYR F 95 -10.68 13.08 -36.97
CA TYR F 95 -9.24 13.23 -36.95
C TYR F 95 -8.58 12.08 -36.20
N CYS F 96 -7.40 11.72 -36.70
CA CYS F 96 -6.56 10.65 -36.18
C CYS F 96 -5.36 11.36 -35.51
N ALA F 97 -5.14 11.12 -34.22
CA ALA F 97 -4.00 11.75 -33.54
C ALA F 97 -3.10 10.74 -32.81
N LYS F 98 -1.81 11.03 -32.71
CA LYS F 98 -0.84 10.15 -32.04
C LYS F 98 -0.33 10.70 -30.70
N ALA F 99 -0.39 9.89 -29.65
CA ALA F 99 0.03 10.33 -28.32
C ALA F 99 1.53 10.33 -28.18
N LYS F 100 2.03 11.14 -27.25
CA LYS F 100 3.47 11.22 -27.06
C LYS F 100 4.08 10.01 -26.38
N ARG F 101 3.28 9.26 -25.62
CA ARG F 101 3.77 8.08 -24.92
C ARG F 101 3.05 6.82 -25.39
N VAL F 102 3.37 5.67 -24.78
CA VAL F 102 2.75 4.41 -25.16
C VAL F 102 1.32 4.24 -24.76
N GLY F 103 0.93 4.88 -23.66
CA GLY F 103 -0.45 4.77 -23.22
C GLY F 103 -1.24 5.96 -23.71
N ALA F 104 -2.55 5.93 -23.48
CA ALA F 104 -3.38 7.06 -23.88
C ALA F 104 -2.80 8.18 -23.01
N THR F 105 -1.91 8.98 -23.59
CA THR F 105 -1.28 10.03 -22.82
C THR F 105 -2.19 11.20 -22.47
N GLY F 106 -2.88 11.74 -23.47
CA GLY F 106 -3.77 12.86 -23.22
C GLY F 106 -3.45 13.98 -24.20
N TYR F 107 -2.20 14.08 -24.60
CA TYR F 107 -1.84 15.11 -25.56
C TYR F 107 -1.24 14.42 -26.75
N PHE F 108 -1.46 15.00 -27.93
CA PHE F 108 -1.00 14.39 -29.16
C PHE F 108 -0.18 15.32 -30.05
N ASP F 109 1.07 14.94 -30.29
CA ASP F 109 1.96 15.73 -31.12
C ASP F 109 1.80 15.49 -32.62
N LEU F 110 1.00 14.53 -33.03
CA LEU F 110 0.85 14.28 -34.46
C LEU F 110 -0.60 14.05 -34.83
N TRP F 111 -1.07 14.75 -35.86
CA TRP F 111 -2.45 14.59 -36.28
C TRP F 111 -2.53 14.33 -37.78
N GLY F 112 -3.69 13.89 -38.24
CA GLY F 112 -3.87 13.64 -39.65
C GLY F 112 -4.83 14.71 -40.12
N ARG F 113 -5.08 14.79 -41.42
CA ARG F 113 -5.99 15.80 -41.97
C ARG F 113 -7.46 15.55 -41.61
N GLY F 114 -7.78 14.30 -41.29
CA GLY F 114 -9.15 13.94 -40.93
C GLY F 114 -9.97 13.45 -42.11
N THR F 115 -11.11 12.83 -41.84
CA THR F 115 -12.01 12.34 -42.89
C THR F 115 -13.41 12.83 -42.53
N LEU F 116 -14.16 13.24 -43.54
CA LEU F 116 -15.50 13.71 -43.30
C LEU F 116 -16.47 12.54 -43.37
N VAL F 117 -17.30 12.42 -42.34
CA VAL F 117 -18.30 11.38 -42.33
C VAL F 117 -19.62 12.12 -42.22
N THR F 118 -20.45 11.93 -43.24
CA THR F 118 -21.76 12.58 -43.31
C THR F 118 -22.83 11.54 -43.16
N VAL F 119 -23.64 11.66 -42.13
CA VAL F 119 -24.70 10.67 -41.96
C VAL F 119 -26.09 11.24 -42.32
N SER F 120 -26.58 10.88 -43.50
CA SER F 120 -27.88 11.35 -43.93
C SER F 120 -28.57 10.29 -44.75
N SER F 121 -29.88 10.47 -44.95
CA SER F 121 -30.62 9.53 -45.75
C SER F 121 -30.66 10.09 -47.14
N ALA F 122 -29.94 11.20 -47.29
CA ALA F 122 -29.88 11.88 -48.57
C ALA F 122 -29.00 11.13 -49.55
N SER F 123 -29.29 11.31 -50.83
CA SER F 123 -28.53 10.64 -51.87
C SER F 123 -27.47 11.56 -52.47
N THR F 124 -26.37 10.95 -52.91
CA THR F 124 -25.28 11.71 -53.50
C THR F 124 -25.77 12.39 -54.76
N LYS F 125 -25.39 13.66 -54.92
CA LYS F 125 -25.77 14.43 -56.10
C LYS F 125 -24.61 15.25 -56.64
N GLY F 126 -24.33 15.07 -57.92
CA GLY F 126 -23.26 15.83 -58.56
C GLY F 126 -23.71 17.25 -58.78
N PRO F 127 -22.80 18.21 -58.67
CA PRO F 127 -23.12 19.63 -58.86
C PRO F 127 -23.31 20.04 -60.31
N SER F 128 -23.57 21.32 -60.48
CA SER F 128 -23.73 21.91 -61.79
C SER F 128 -22.87 23.16 -61.78
N VAL F 129 -21.88 23.22 -62.68
CA VAL F 129 -21.01 24.38 -62.73
C VAL F 129 -21.47 25.40 -63.76
N PHE F 130 -21.64 26.64 -63.32
CA PHE F 130 -22.05 27.69 -64.23
C PHE F 130 -20.95 28.73 -64.26
N PRO F 131 -20.65 29.29 -65.44
CA PRO F 131 -19.61 30.30 -65.58
C PRO F 131 -20.05 31.67 -65.09
N LEU F 132 -19.13 32.40 -64.48
CA LEU F 132 -19.41 33.74 -64.00
C LEU F 132 -18.65 34.68 -64.94
N ALA F 133 -19.23 34.85 -66.13
CA ALA F 133 -18.68 35.67 -67.19
C ALA F 133 -18.31 37.08 -66.79
N PRO F 134 -17.12 37.52 -67.20
CA PRO F 134 -16.61 38.86 -66.92
C PRO F 134 -17.54 39.94 -67.46
N SER F 135 -18.19 40.67 -66.57
CA SER F 135 -19.09 41.74 -66.98
C SER F 135 -18.34 42.74 -67.85
N SER F 136 -19.08 43.59 -68.56
CA SER F 136 -18.48 44.60 -69.42
C SER F 136 -17.63 45.56 -68.58
N LYS F 137 -17.84 45.49 -67.26
CA LYS F 137 -17.12 46.32 -66.28
C LYS F 137 -15.70 45.74 -66.12
N SER F 138 -15.24 45.06 -67.17
CA SER F 138 -13.91 44.44 -67.19
C SER F 138 -12.83 45.51 -67.28
N THR F 139 -13.25 46.77 -67.32
CA THR F 139 -12.32 47.90 -67.39
C THR F 139 -12.28 48.64 -66.05
N SER F 140 -12.21 47.87 -64.96
CA SER F 140 -12.16 48.41 -63.60
C SER F 140 -10.76 48.22 -62.97
N GLY F 141 -9.78 48.93 -63.54
CA GLY F 141 -8.41 48.83 -63.05
C GLY F 141 -7.53 48.04 -64.00
N GLY F 142 -8.09 47.65 -65.15
CA GLY F 142 -7.34 46.87 -66.11
C GLY F 142 -7.36 45.39 -65.75
N THR F 143 -7.99 45.08 -64.62
CA THR F 143 -8.11 43.70 -64.13
C THR F 143 -9.57 43.31 -63.99
N ALA F 144 -9.97 42.29 -64.77
CA ALA F 144 -11.33 41.80 -64.75
C ALA F 144 -11.50 40.61 -63.79
N ALA F 145 -12.71 40.47 -63.27
CA ALA F 145 -13.07 39.38 -62.36
C ALA F 145 -13.94 38.35 -63.07
N LEU F 146 -13.76 37.08 -62.72
CA LEU F 146 -14.54 36.01 -63.32
C LEU F 146 -14.41 34.79 -62.44
N GLY F 147 -15.33 33.84 -62.60
CA GLY F 147 -15.28 32.63 -61.79
C GLY F 147 -16.29 31.57 -62.19
N CYS F 148 -16.63 30.70 -61.26
CA CYS F 148 -17.59 29.64 -61.53
C CYS F 148 -18.60 29.48 -60.39
N LEU F 149 -19.77 28.93 -60.71
CA LEU F 149 -20.81 28.70 -59.72
C LEU F 149 -21.15 27.21 -59.69
N VAL F 150 -20.64 26.49 -58.69
CA VAL F 150 -20.92 25.06 -58.56
C VAL F 150 -22.18 24.95 -57.68
N LYS F 151 -23.32 24.65 -58.30
CA LYS F 151 -24.59 24.60 -57.58
C LYS F 151 -25.23 23.21 -57.41
N ASP F 152 -25.92 23.03 -56.29
CA ASP F 152 -26.65 21.81 -55.94
C ASP F 152 -25.90 20.48 -55.95
N TYR F 153 -25.18 20.21 -54.87
CA TYR F 153 -24.43 18.96 -54.74
C TYR F 153 -24.50 18.44 -53.30
N PHE F 154 -24.12 17.19 -53.11
CA PHE F 154 -24.16 16.60 -51.79
C PHE F 154 -23.59 15.18 -51.82
N PRO F 155 -22.81 14.81 -50.80
CA PRO F 155 -22.44 15.66 -49.68
C PRO F 155 -21.23 16.46 -50.08
N GLU F 156 -20.43 16.84 -49.10
CA GLU F 156 -19.22 17.58 -49.37
C GLU F 156 -18.03 16.63 -49.37
N PRO F 157 -16.85 17.11 -49.80
CA PRO F 157 -16.55 18.45 -50.27
C PRO F 157 -16.62 18.56 -51.79
N VAL F 158 -15.93 19.55 -52.31
CA VAL F 158 -15.89 19.79 -53.74
C VAL F 158 -14.68 20.70 -53.95
N THR F 159 -13.62 20.15 -54.55
CA THR F 159 -12.41 20.92 -54.80
C THR F 159 -12.54 21.68 -56.11
N VAL F 160 -11.89 22.85 -56.18
CA VAL F 160 -11.94 23.67 -57.40
C VAL F 160 -10.60 24.34 -57.70
N SER F 161 -10.10 24.14 -58.91
CA SER F 161 -8.84 24.73 -59.33
C SER F 161 -9.03 25.48 -60.64
N TRP F 162 -8.05 26.30 -60.98
CA TRP F 162 -8.13 27.06 -62.21
C TRP F 162 -7.01 26.69 -63.16
N ASN F 163 -7.38 26.46 -64.42
CA ASN F 163 -6.44 26.07 -65.47
C ASN F 163 -5.60 24.92 -64.97
N SER F 164 -6.27 23.92 -64.41
CA SER F 164 -5.59 22.73 -63.92
C SER F 164 -4.48 22.98 -62.90
N GLY F 165 -4.72 23.84 -61.92
CA GLY F 165 -3.72 24.09 -60.90
C GLY F 165 -2.68 25.12 -61.29
N ALA F 166 -2.68 25.53 -62.54
CA ALA F 166 -1.71 26.51 -63.00
C ALA F 166 -2.05 27.91 -62.47
N LEU F 167 -3.32 28.28 -62.51
CA LEU F 167 -3.76 29.61 -62.03
C LEU F 167 -4.06 29.60 -60.53
N THR F 168 -3.17 30.22 -59.76
CA THR F 168 -3.30 30.27 -58.31
C THR F 168 -3.50 31.67 -57.79
N SER F 169 -2.60 32.57 -58.19
CA SER F 169 -2.68 33.94 -57.74
C SER F 169 -4.04 34.57 -58.07
N GLY F 170 -4.65 35.20 -57.08
CA GLY F 170 -5.93 35.86 -57.27
C GLY F 170 -7.17 35.01 -57.10
N VAL F 171 -6.99 33.69 -56.99
CA VAL F 171 -8.11 32.78 -56.82
C VAL F 171 -8.73 32.88 -55.44
N HIS F 172 -10.07 32.90 -55.40
CA HIS F 172 -10.81 32.97 -54.15
C HIS F 172 -11.98 32.00 -54.17
N THR F 173 -11.79 30.83 -53.57
CA THR F 173 -12.86 29.85 -53.48
C THR F 173 -13.63 30.09 -52.19
N PHE F 174 -14.93 30.30 -52.31
CA PHE F 174 -15.77 30.58 -51.14
C PHE F 174 -16.26 29.31 -50.48
N PRO F 175 -16.37 29.33 -49.16
CA PRO F 175 -16.85 28.18 -48.40
C PRO F 175 -18.26 27.84 -48.90
N ALA F 176 -18.59 26.56 -48.89
CA ALA F 176 -19.89 26.11 -49.35
C ALA F 176 -20.97 26.56 -48.39
N VAL F 177 -22.17 26.74 -48.93
CA VAL F 177 -23.31 27.13 -48.13
C VAL F 177 -24.40 26.09 -48.32
N LEU F 178 -25.16 25.84 -47.27
CA LEU F 178 -26.23 24.87 -47.34
C LEU F 178 -27.48 25.62 -47.80
N GLN F 179 -27.99 25.23 -48.98
CA GLN F 179 -29.17 25.85 -49.52
C GLN F 179 -30.45 25.26 -48.90
N SER F 180 -31.56 25.99 -49.03
CA SER F 180 -32.85 25.57 -48.49
C SER F 180 -33.37 24.27 -49.08
N SER F 181 -32.67 23.78 -50.09
CA SER F 181 -33.00 22.53 -50.75
C SER F 181 -32.15 21.44 -50.13
N GLY F 182 -31.44 21.78 -49.07
CA GLY F 182 -30.60 20.80 -48.41
C GLY F 182 -29.32 20.52 -49.18
N LEU F 183 -29.23 21.02 -50.41
CA LEU F 183 -28.04 20.80 -51.23
C LEU F 183 -27.04 21.92 -50.96
N TYR F 184 -25.78 21.68 -51.29
CA TYR F 184 -24.73 22.66 -51.10
C TYR F 184 -24.47 23.44 -52.37
N SER F 185 -24.09 24.70 -52.22
CA SER F 185 -23.76 25.59 -53.34
C SER F 185 -22.46 26.32 -52.98
N LEU F 186 -21.62 26.55 -53.99
CA LEU F 186 -20.35 27.23 -53.79
C LEU F 186 -19.99 28.07 -55.01
N SER F 187 -19.09 29.03 -54.81
CA SER F 187 -18.67 29.90 -55.88
C SER F 187 -17.15 30.07 -55.82
N SER F 188 -16.52 30.28 -56.97
CA SER F 188 -15.06 30.44 -57.01
C SER F 188 -14.70 31.49 -58.06
N VAL F 189 -14.05 32.56 -57.62
CA VAL F 189 -13.66 33.64 -58.52
C VAL F 189 -12.16 33.87 -58.56
N VAL F 190 -11.72 34.59 -59.58
CA VAL F 190 -10.31 34.91 -59.77
C VAL F 190 -10.17 36.23 -60.48
N THR F 191 -9.10 36.95 -60.15
CA THR F 191 -8.82 38.22 -60.78
C THR F 191 -7.63 38.08 -61.73
N VAL F 192 -7.83 38.56 -62.96
CA VAL F 192 -6.81 38.52 -64.00
C VAL F 192 -6.78 39.83 -64.80
N PRO F 193 -5.66 40.09 -65.49
CA PRO F 193 -5.59 41.33 -66.27
C PRO F 193 -6.57 41.27 -67.46
N SER F 194 -7.48 42.24 -67.51
CA SER F 194 -8.45 42.28 -68.60
C SER F 194 -7.77 42.25 -69.98
N SER F 195 -6.49 42.63 -69.99
CA SER F 195 -5.70 42.67 -71.23
C SER F 195 -5.32 41.27 -71.74
N SER F 196 -5.82 40.22 -71.08
CA SER F 196 -5.52 38.85 -71.49
C SER F 196 -6.78 38.02 -71.72
N LEU F 197 -7.94 38.68 -71.72
CA LEU F 197 -9.21 38.01 -71.94
C LEU F 197 -9.45 37.71 -73.42
N GLY F 198 -8.39 37.85 -74.22
CA GLY F 198 -8.52 37.61 -75.65
C GLY F 198 -7.58 36.55 -76.16
N THR F 199 -6.50 36.29 -75.43
CA THR F 199 -5.51 35.29 -75.82
C THR F 199 -5.36 34.17 -74.79
N GLN F 200 -5.70 34.46 -73.54
CA GLN F 200 -5.60 33.48 -72.46
C GLN F 200 -6.97 32.85 -72.20
N THR F 201 -6.97 31.57 -71.87
CA THR F 201 -8.22 30.87 -71.60
C THR F 201 -8.33 30.55 -70.10
N TYR F 202 -9.47 30.90 -69.50
CA TYR F 202 -9.68 30.66 -68.08
C TYR F 202 -10.78 29.61 -67.84
N ILE F 203 -10.37 28.45 -67.34
CA ILE F 203 -11.32 27.36 -67.09
C ILE F 203 -11.20 26.78 -65.69
N CYS F 204 -12.33 26.72 -64.98
CA CYS F 204 -12.33 26.18 -63.61
C CYS F 204 -12.64 24.69 -63.68
N ASN F 205 -11.97 23.90 -62.85
CA ASN F 205 -12.21 22.46 -62.85
C ASN F 205 -12.71 22.03 -61.47
N VAL F 206 -13.96 21.59 -61.38
CA VAL F 206 -14.48 21.18 -60.08
C VAL F 206 -14.60 19.67 -60.03
N ASN F 207 -14.26 19.10 -58.87
CA ASN F 207 -14.35 17.66 -58.70
C ASN F 207 -15.20 17.39 -57.47
N HIS F 208 -16.12 16.45 -57.60
CA HIS F 208 -16.95 16.06 -56.49
C HIS F 208 -16.74 14.57 -56.33
N LYS F 209 -15.74 14.20 -55.54
CA LYS F 209 -15.46 12.78 -55.33
C LYS F 209 -16.74 11.98 -55.07
N PRO F 210 -17.55 12.39 -54.07
CA PRO F 210 -18.79 11.68 -53.77
C PRO F 210 -19.64 11.33 -55.01
N SER F 211 -19.98 12.35 -55.80
CA SER F 211 -20.77 12.15 -57.00
C SER F 211 -19.95 11.48 -58.08
N ASN F 212 -18.66 11.38 -57.81
CA ASN F 212 -17.76 10.76 -58.76
C ASN F 212 -17.88 11.45 -60.11
N THR F 213 -17.87 12.79 -60.10
CA THR F 213 -17.98 13.53 -61.35
C THR F 213 -17.07 14.76 -61.42
N LYS F 214 -16.19 14.76 -62.42
CA LYS F 214 -15.24 15.84 -62.67
C LYS F 214 -15.90 16.76 -63.69
N VAL F 215 -15.59 18.05 -63.64
CA VAL F 215 -16.18 18.99 -64.58
C VAL F 215 -15.29 20.15 -64.95
N ASP F 216 -15.31 20.49 -66.23
CA ASP F 216 -14.52 21.59 -66.77
C ASP F 216 -15.43 22.64 -67.40
N LYS F 217 -15.35 23.86 -66.89
CA LYS F 217 -16.16 24.96 -67.40
C LYS F 217 -15.29 26.16 -67.67
N LYS F 218 -15.50 26.79 -68.82
CA LYS F 218 -14.73 27.96 -69.24
C LYS F 218 -15.47 29.25 -68.92
N ALA F 219 -14.74 30.26 -68.46
CA ALA F 219 -15.30 31.56 -68.13
C ALA F 219 -14.89 32.59 -69.18
N GLU F 220 -15.78 32.84 -70.14
CA GLU F 220 -15.50 33.80 -71.21
C GLU F 220 -16.29 35.11 -71.03
N PRO F 221 -15.78 36.22 -71.60
CA PRO F 221 -16.46 37.51 -71.50
C PRO F 221 -17.67 37.63 -72.41
#